data_2PQJ
#
_entry.id   2PQJ
#
_cell.length_a   115.908
_cell.length_b   115.908
_cell.length_c   44.898
_cell.angle_alpha   90.00
_cell.angle_beta   90.00
_cell.angle_gamma   120.00
#
_symmetry.space_group_name_H-M   'P 32'
#
loop_
_entity.id
_entity.type
_entity.pdbx_description
1 polymer 'Ribosome-inactivating protein 3'
2 non-polymer ADENINE
3 water water
#
_entity_poly.entity_id   1
_entity_poly.type   'polypeptide(L)'
_entity_poly.pdbx_seq_one_letter_code
;MKFTEIFPVEDANYPYSAFIASVRKDVIKHCTDHKGIFQPVLPPEKKVPELWLYTELKTRTSSITLAIRMDNLYLVGFRT
PGGVWWEFGKDGDTHLLGDNPRWLGFGGRYQDLIGNKGLETVTMGRAEMTRAVNDLAKKKKMLEPQADTKSKLVKLVVMV
CEGLRFNTVSRTVDAGFNSQHGVTLTVTQGKQVQKWDRISKAAFEWADHPTAVIPDMQKLGIKDKNEAARIVALVKNQTT
AAA
;
_entity_poly.pdbx_strand_id   A,B,C
#
loop_
_chem_comp.id
_chem_comp.type
_chem_comp.name
_chem_comp.formula
ADE non-polymer ADENINE 'C5 H5 N5'
#
# COMPACT_ATOMS: atom_id res chain seq x y z
N MET A 1 -14.07 -10.63 -14.71
CA MET A 1 -15.20 -10.56 -13.73
C MET A 1 -15.99 -11.87 -13.63
N LYS A 2 -15.31 -12.98 -13.40
CA LYS A 2 -16.00 -14.24 -13.27
C LYS A 2 -16.17 -14.59 -11.79
N PHE A 3 -17.42 -14.82 -11.39
CA PHE A 3 -17.73 -15.22 -10.02
C PHE A 3 -17.53 -16.73 -9.93
N THR A 4 -16.84 -17.15 -8.89
CA THR A 4 -16.57 -18.56 -8.69
C THR A 4 -17.71 -19.29 -8.04
N GLU A 5 -17.83 -20.58 -8.36
CA GLU A 5 -18.83 -21.43 -7.75
C GLU A 5 -18.55 -21.43 -6.25
N ILE A 6 -19.58 -21.22 -5.44
CA ILE A 6 -19.42 -21.20 -3.99
C ILE A 6 -18.73 -22.46 -3.55
N PHE A 7 -17.98 -22.37 -2.45
CA PHE A 7 -17.31 -23.55 -1.89
C PHE A 7 -17.81 -23.73 -0.47
N PRO A 8 -18.63 -24.77 -0.25
CA PRO A 8 -19.15 -25.03 1.10
C PRO A 8 -18.05 -25.73 1.89
N VAL A 9 -17.19 -24.93 2.52
CA VAL A 9 -16.07 -25.42 3.31
C VAL A 9 -16.43 -26.43 4.40
N GLU A 10 -17.46 -26.15 5.21
CA GLU A 10 -17.87 -27.04 6.29
C GLU A 10 -18.55 -28.33 5.85
N ASP A 11 -19.21 -28.29 4.70
CA ASP A 11 -19.90 -29.45 4.17
C ASP A 11 -18.92 -30.45 3.59
N ALA A 12 -18.69 -31.53 4.34
CA ALA A 12 -17.74 -32.56 3.96
C ALA A 12 -18.11 -33.33 2.69
N ASN A 13 -19.17 -32.92 2.03
CA ASN A 13 -19.58 -33.61 0.82
C ASN A 13 -18.91 -33.02 -0.40
N TYR A 14 -18.36 -31.82 -0.26
CA TYR A 14 -17.66 -31.12 -1.34
C TYR A 14 -16.14 -31.25 -1.16
N PRO A 15 -15.46 -31.81 -2.16
CA PRO A 15 -14.01 -31.98 -2.04
C PRO A 15 -13.29 -30.67 -2.31
N TYR A 16 -12.06 -30.59 -1.83
CA TYR A 16 -11.24 -29.41 -2.04
C TYR A 16 -10.84 -29.49 -3.50
N SER A 17 -10.64 -30.73 -3.95
CA SER A 17 -10.22 -31.00 -5.31
C SER A 17 -11.16 -30.45 -6.37
N ALA A 18 -12.46 -30.50 -6.13
CA ALA A 18 -13.42 -29.98 -7.10
C ALA A 18 -13.33 -28.47 -7.12
N PHE A 19 -13.37 -27.84 -5.96
CA PHE A 19 -13.25 -26.40 -5.84
C PHE A 19 -12.14 -25.93 -6.76
N ILE A 20 -10.93 -26.43 -6.53
CA ILE A 20 -9.79 -26.05 -7.35
C ILE A 20 -10.07 -26.31 -8.84
N ALA A 21 -10.41 -27.55 -9.14
CA ALA A 21 -10.69 -27.96 -10.50
C ALA A 21 -11.58 -26.94 -11.16
N SER A 22 -12.74 -26.75 -10.56
CA SER A 22 -13.75 -25.83 -11.04
C SER A 22 -13.14 -24.44 -11.31
N VAL A 23 -12.34 -23.94 -10.36
CA VAL A 23 -11.76 -22.62 -10.55
C VAL A 23 -10.80 -22.51 -11.71
N ARG A 24 -9.85 -23.45 -11.79
CA ARG A 24 -8.88 -23.40 -12.88
C ARG A 24 -9.62 -23.36 -14.19
N LYS A 25 -10.61 -24.23 -14.34
CA LYS A 25 -11.40 -24.27 -15.57
C LYS A 25 -11.87 -22.86 -15.90
N ASP A 26 -12.34 -22.15 -14.89
CA ASP A 26 -12.81 -20.80 -15.10
C ASP A 26 -11.65 -19.91 -15.54
N VAL A 27 -10.57 -19.98 -14.78
CA VAL A 27 -9.35 -19.20 -15.00
C VAL A 27 -8.76 -19.39 -16.38
N ILE A 28 -8.64 -20.66 -16.78
CA ILE A 28 -8.07 -21.04 -18.06
C ILE A 28 -8.79 -20.38 -19.23
N LYS A 29 -10.10 -20.24 -19.11
CA LYS A 29 -10.89 -19.62 -20.15
C LYS A 29 -10.21 -18.33 -20.59
N HIS A 30 -9.30 -17.84 -19.76
CA HIS A 30 -8.61 -16.58 -20.04
C HIS A 30 -7.12 -16.67 -20.24
N CYS A 31 -6.56 -17.87 -20.30
CA CYS A 31 -5.11 -18.00 -20.48
C CYS A 31 -4.81 -18.24 -21.96
N THR A 32 -3.55 -18.17 -22.33
CA THR A 32 -3.17 -18.41 -23.73
C THR A 32 -2.15 -19.51 -23.87
N ASP A 33 -2.24 -20.19 -25.00
CA ASP A 33 -1.34 -21.28 -25.27
C ASP A 33 -0.03 -20.73 -25.81
N HIS A 34 1.04 -20.91 -25.03
CA HIS A 34 2.36 -20.46 -25.45
C HIS A 34 3.17 -21.66 -25.87
N LYS A 35 3.98 -21.46 -26.90
CA LYS A 35 4.82 -22.50 -27.47
C LYS A 35 5.95 -22.95 -26.55
N GLY A 36 6.10 -24.25 -26.43
CA GLY A 36 7.14 -24.80 -25.58
C GLY A 36 6.81 -24.71 -24.10
N ILE A 37 5.63 -24.19 -23.80
CA ILE A 37 5.20 -24.02 -22.42
C ILE A 37 4.02 -24.90 -22.12
N PHE A 38 4.25 -25.91 -21.27
CA PHE A 38 3.21 -26.86 -20.89
C PHE A 38 1.91 -26.26 -20.36
N GLN A 39 2.02 -25.49 -19.29
CA GLN A 39 0.86 -24.90 -18.64
C GLN A 39 0.24 -23.66 -19.26
N PRO A 40 -1.09 -23.50 -19.08
CA PRO A 40 -1.81 -22.35 -19.60
C PRO A 40 -1.14 -21.12 -18.98
N VAL A 41 -0.79 -20.16 -19.81
CA VAL A 41 -0.15 -18.95 -19.33
C VAL A 41 -1.19 -17.90 -18.92
N LEU A 42 -1.07 -17.39 -17.70
CA LEU A 42 -2.00 -16.39 -17.20
C LEU A 42 -2.05 -15.09 -17.99
N PRO A 43 -3.11 -14.30 -17.78
CA PRO A 43 -3.31 -13.02 -18.45
C PRO A 43 -2.13 -12.16 -18.07
N PRO A 44 -1.68 -11.31 -18.99
CA PRO A 44 -0.56 -10.42 -18.73
C PRO A 44 -0.93 -9.37 -17.70
N GLU A 45 0.03 -9.02 -16.86
CA GLU A 45 -0.13 -8.06 -15.77
C GLU A 45 -0.37 -6.60 -16.21
N LYS A 46 -1.16 -5.90 -15.41
CA LYS A 46 -1.51 -4.51 -15.67
C LYS A 46 -1.60 -3.79 -14.32
N LYS A 47 -0.99 -2.60 -14.22
CA LYS A 47 -1.00 -1.82 -12.97
C LYS A 47 -2.36 -1.86 -12.31
N VAL A 48 -3.38 -1.80 -13.16
CA VAL A 48 -4.78 -1.86 -12.77
C VAL A 48 -5.31 -3.12 -13.44
N PRO A 49 -5.45 -4.22 -12.69
CA PRO A 49 -5.95 -5.50 -13.22
C PRO A 49 -7.33 -5.52 -13.90
N GLU A 50 -7.40 -6.22 -15.03
CA GLU A 50 -8.64 -6.30 -15.79
C GLU A 50 -9.53 -7.43 -15.32
N LEU A 51 -9.04 -8.67 -15.46
CA LEU A 51 -9.81 -9.84 -15.07
C LEU A 51 -9.66 -10.14 -13.56
N TRP A 52 -10.78 -10.40 -12.89
CA TRP A 52 -10.81 -10.74 -11.46
C TRP A 52 -11.57 -12.02 -11.18
N LEU A 53 -11.17 -12.70 -10.12
CA LEU A 53 -11.76 -13.96 -9.70
C LEU A 53 -12.40 -13.80 -8.33
N TYR A 54 -13.73 -13.73 -8.29
CA TYR A 54 -14.49 -13.57 -7.05
C TYR A 54 -14.91 -14.94 -6.55
N THR A 55 -14.17 -15.49 -5.58
CA THR A 55 -14.46 -16.83 -5.05
C THR A 55 -14.90 -16.79 -3.60
N GLU A 56 -16.19 -17.02 -3.37
CA GLU A 56 -16.72 -16.99 -2.03
C GLU A 56 -16.62 -18.32 -1.31
N LEU A 57 -16.36 -18.22 -0.01
CA LEU A 57 -16.26 -19.43 0.80
C LEU A 57 -17.31 -19.29 1.87
N LYS A 58 -18.15 -20.31 2.00
CA LYS A 58 -19.19 -20.26 3.01
C LYS A 58 -19.26 -21.48 3.93
N THR A 59 -19.54 -21.19 5.18
CA THR A 59 -19.65 -22.20 6.21
C THR A 59 -21.12 -22.29 6.60
N ARG A 60 -21.42 -23.12 7.59
CA ARG A 60 -22.78 -23.31 8.07
C ARG A 60 -23.26 -21.96 8.61
N THR A 61 -22.37 -21.31 9.35
CA THR A 61 -22.64 -20.03 9.99
C THR A 61 -22.35 -18.75 9.22
N SER A 62 -21.34 -18.76 8.36
CA SER A 62 -20.98 -17.55 7.62
C SER A 62 -20.31 -17.75 6.28
N SER A 63 -19.90 -16.65 5.67
CA SER A 63 -19.20 -16.70 4.39
C SER A 63 -18.54 -15.37 4.07
N ILE A 64 -17.47 -15.44 3.28
CA ILE A 64 -16.73 -14.26 2.85
C ILE A 64 -16.45 -14.42 1.38
N THR A 65 -16.20 -13.34 0.67
CA THR A 65 -15.90 -13.45 -0.76
C THR A 65 -14.44 -13.12 -1.03
N LEU A 66 -13.76 -14.00 -1.73
CA LEU A 66 -12.36 -13.73 -2.02
C LEU A 66 -12.17 -12.93 -3.29
N ALA A 67 -11.34 -11.90 -3.19
CA ALA A 67 -11.03 -11.06 -4.33
C ALA A 67 -9.60 -11.40 -4.79
N ILE A 68 -9.51 -12.13 -5.89
CA ILE A 68 -8.22 -12.55 -6.41
C ILE A 68 -8.05 -12.03 -7.82
N ARG A 69 -6.86 -11.54 -8.15
CA ARG A 69 -6.60 -11.05 -9.51
C ARG A 69 -6.07 -12.21 -10.35
N MET A 70 -6.66 -12.37 -11.54
CA MET A 70 -6.31 -13.46 -12.43
C MET A 70 -4.85 -13.35 -12.87
N ASP A 71 -4.44 -12.14 -13.26
CA ASP A 71 -3.15 -11.94 -13.87
C ASP A 71 -2.03 -12.67 -13.13
N ASN A 72 -2.16 -12.82 -11.82
CA ASN A 72 -1.12 -13.54 -11.11
C ASN A 72 -1.59 -14.32 -9.90
N LEU A 73 -2.85 -14.75 -10.00
CA LEU A 73 -3.50 -15.54 -8.98
C LEU A 73 -3.13 -15.07 -7.57
N TYR A 74 -3.19 -13.76 -7.39
CA TYR A 74 -2.88 -13.12 -6.11
C TYR A 74 -4.16 -12.70 -5.37
N LEU A 75 -4.20 -12.90 -4.05
CA LEU A 75 -5.34 -12.50 -3.25
C LEU A 75 -5.18 -11.01 -2.92
N VAL A 76 -6.08 -10.18 -3.43
CA VAL A 76 -6.01 -8.74 -3.20
C VAL A 76 -6.88 -8.32 -2.01
N GLY A 77 -7.86 -9.15 -1.65
CA GLY A 77 -8.71 -8.83 -0.52
C GLY A 77 -9.93 -9.71 -0.37
N PHE A 78 -10.78 -9.39 0.60
CA PHE A 78 -12.00 -10.17 0.82
C PHE A 78 -13.22 -9.34 1.19
N ARG A 79 -14.37 -10.00 1.22
CA ARG A 79 -15.63 -9.33 1.54
C ARG A 79 -16.30 -10.03 2.72
N THR A 80 -16.69 -9.25 3.71
CA THR A 80 -17.39 -9.76 4.89
C THR A 80 -18.86 -9.92 4.51
N PRO A 81 -19.62 -10.74 5.26
CA PRO A 81 -21.04 -10.96 5.00
C PRO A 81 -21.78 -9.63 4.85
N GLY A 82 -21.50 -8.72 5.77
CA GLY A 82 -22.13 -7.41 5.76
C GLY A 82 -21.75 -6.48 4.63
N GLY A 83 -21.11 -7.02 3.60
CA GLY A 83 -20.72 -6.21 2.46
C GLY A 83 -19.54 -5.27 2.59
N VAL A 84 -18.67 -5.47 3.58
CA VAL A 84 -17.50 -4.62 3.75
C VAL A 84 -16.28 -5.25 3.05
N TRP A 85 -15.46 -4.43 2.40
CA TRP A 85 -14.27 -4.92 1.69
C TRP A 85 -12.92 -4.56 2.33
N TRP A 86 -12.11 -5.57 2.61
CA TRP A 86 -10.79 -5.37 3.20
C TRP A 86 -9.70 -5.62 2.16
N GLU A 87 -8.88 -4.60 1.89
CA GLU A 87 -7.81 -4.71 0.90
C GLU A 87 -6.42 -4.64 1.50
N PHE A 88 -5.56 -5.58 1.12
CA PHE A 88 -4.21 -5.60 1.63
C PHE A 88 -3.55 -4.27 1.32
N GLY A 89 -3.02 -3.61 2.34
CA GLY A 89 -2.37 -2.33 2.12
C GLY A 89 -2.46 -1.33 3.26
N LYS A 90 -1.66 -0.28 3.13
CA LYS A 90 -1.60 0.79 4.12
C LYS A 90 -2.17 2.07 3.51
N ASP A 91 -2.49 3.05 4.36
CA ASP A 91 -3.04 4.32 3.86
C ASP A 91 -2.08 5.04 2.94
N GLY A 92 -2.55 5.43 1.75
CA GLY A 92 -1.69 6.11 0.80
C GLY A 92 -1.45 5.28 -0.45
N ASP A 93 -1.50 3.96 -0.30
CA ASP A 93 -1.32 3.06 -1.42
C ASP A 93 -2.53 3.32 -2.31
N THR A 94 -2.59 2.65 -3.45
CA THR A 94 -3.73 2.86 -4.33
C THR A 94 -4.64 1.64 -4.23
N HIS A 95 -5.94 1.86 -4.37
CA HIS A 95 -6.89 0.76 -4.28
C HIS A 95 -7.15 0.12 -5.62
N LEU A 96 -7.46 -1.17 -5.59
CA LEU A 96 -7.93 -1.89 -6.77
C LEU A 96 -9.39 -2.29 -6.60
N LEU A 97 -9.84 -2.46 -5.36
CA LEU A 97 -11.21 -2.88 -5.10
C LEU A 97 -12.28 -1.78 -5.14
N GLY A 98 -13.45 -2.07 -4.58
CA GLY A 98 -14.51 -2.72 -5.33
C GLY A 98 -15.85 -2.17 -4.91
N ASP A 99 -15.80 -1.39 -3.85
CA ASP A 99 -16.94 -0.69 -3.29
C ASP A 99 -16.48 -0.24 -1.92
N ASN A 100 -15.99 0.97 -1.85
CA ASN A 100 -15.57 1.55 -0.61
C ASN A 100 -14.94 0.51 0.30
N PRO A 101 -13.61 0.41 0.28
CA PRO A 101 -12.89 -0.59 1.06
C PRO A 101 -11.91 0.04 2.04
N ARG A 102 -11.48 -0.73 3.04
CA ARG A 102 -10.81 -0.16 4.22
C ARG A 102 -9.45 -0.77 4.45
N TRP A 103 -8.41 -0.10 3.95
CA TRP A 103 -7.06 -0.68 3.98
C TRP A 103 -6.80 -1.58 5.17
N LEU A 104 -6.37 -2.81 4.91
CA LEU A 104 -6.23 -3.81 5.95
C LEU A 104 -5.11 -3.56 6.89
N GLY A 105 -4.22 -2.64 6.51
CA GLY A 105 -3.09 -2.30 7.37
C GLY A 105 -1.76 -2.97 7.05
N PHE A 106 -1.80 -4.05 6.28
CA PHE A 106 -0.60 -4.78 5.92
C PHE A 106 -0.74 -5.40 4.53
N GLY A 107 0.36 -5.52 3.80
CA GLY A 107 0.31 -6.12 2.48
C GLY A 107 0.00 -7.60 2.57
N GLY A 108 -0.20 -8.23 1.41
CA GLY A 108 -0.52 -9.65 1.42
C GLY A 108 0.55 -10.57 0.90
N ARG A 109 1.79 -10.36 1.32
CA ARG A 109 2.88 -11.22 0.90
C ARG A 109 3.23 -12.08 2.10
N TYR A 110 4.00 -13.16 1.89
CA TYR A 110 4.35 -14.03 3.01
C TYR A 110 5.19 -13.32 4.04
N GLN A 111 6.12 -12.48 3.57
CA GLN A 111 6.97 -11.73 4.51
C GLN A 111 6.06 -10.87 5.41
N ASP A 112 4.99 -10.35 4.81
CA ASP A 112 4.03 -9.50 5.50
C ASP A 112 3.19 -10.22 6.53
N LEU A 113 2.74 -11.40 6.18
CA LEU A 113 1.87 -12.14 7.06
C LEU A 113 2.64 -12.95 8.08
N ILE A 114 3.75 -13.53 7.64
CA ILE A 114 4.57 -14.38 8.49
C ILE A 114 6.05 -14.36 8.09
N GLY A 115 6.64 -13.18 8.01
CA GLY A 115 8.03 -13.08 7.58
C GLY A 115 9.01 -14.04 8.23
N ASN A 116 10.12 -14.27 7.55
CA ASN A 116 11.17 -15.12 8.10
C ASN A 116 10.71 -16.55 8.35
N LYS A 117 9.43 -16.82 8.14
CA LYS A 117 8.93 -18.17 8.36
C LYS A 117 8.53 -18.87 7.08
N GLY A 118 8.53 -20.20 7.12
CA GLY A 118 8.17 -20.97 5.94
C GLY A 118 6.80 -21.63 5.93
N LEU A 119 6.18 -21.59 4.76
CA LEU A 119 4.85 -22.16 4.57
C LEU A 119 4.64 -23.51 5.23
N GLU A 120 5.74 -24.21 5.53
CA GLU A 120 5.60 -25.53 6.14
C GLU A 120 4.90 -25.40 7.47
N THR A 121 4.95 -24.21 8.04
CA THR A 121 4.33 -23.94 9.31
C THR A 121 2.86 -23.58 9.28
N VAL A 122 2.40 -22.91 8.23
CA VAL A 122 0.98 -22.57 8.15
C VAL A 122 0.20 -23.87 8.08
N THR A 123 -0.70 -24.12 9.03
CA THR A 123 -1.48 -25.36 9.00
C THR A 123 -2.75 -25.12 8.19
N MET A 124 -3.15 -26.11 7.40
CA MET A 124 -4.34 -25.94 6.57
C MET A 124 -5.25 -27.15 6.58
N GLY A 125 -6.49 -26.94 6.15
CA GLY A 125 -7.45 -28.02 6.11
C GLY A 125 -8.87 -27.48 6.18
N ARG A 126 -9.83 -28.34 5.91
CA ARG A 126 -11.22 -27.95 5.96
C ARG A 126 -11.51 -27.20 7.27
N ALA A 127 -11.09 -27.77 8.40
CA ALA A 127 -11.33 -27.15 9.70
C ALA A 127 -10.72 -25.75 9.72
N GLU A 128 -9.39 -25.73 9.60
CA GLU A 128 -8.61 -24.50 9.58
C GLU A 128 -9.20 -23.45 8.65
N MET A 129 -9.68 -23.89 7.49
CA MET A 129 -10.30 -22.99 6.51
C MET A 129 -11.69 -22.56 6.97
N THR A 130 -12.34 -23.39 7.78
CA THR A 130 -13.67 -23.03 8.27
C THR A 130 -13.43 -22.00 9.35
N ARG A 131 -12.47 -22.31 10.22
CA ARG A 131 -12.08 -21.43 11.31
C ARG A 131 -11.80 -20.07 10.69
N ALA A 132 -10.96 -20.10 9.65
CA ALA A 132 -10.52 -18.90 8.93
C ALA A 132 -11.66 -18.03 8.38
N VAL A 133 -12.57 -18.63 7.62
CA VAL A 133 -13.67 -17.87 7.05
C VAL A 133 -14.55 -17.19 8.09
N ASN A 134 -15.08 -17.97 9.03
CA ASN A 134 -15.94 -17.43 10.08
C ASN A 134 -15.24 -16.26 10.76
N ASP A 135 -14.00 -16.52 11.17
CA ASP A 135 -13.16 -15.54 11.85
C ASP A 135 -12.95 -14.27 11.04
N LEU A 136 -12.79 -14.42 9.73
CA LEU A 136 -12.57 -13.27 8.88
C LEU A 136 -13.85 -12.55 8.48
N ALA A 137 -14.99 -13.14 8.78
CA ALA A 137 -16.25 -12.48 8.44
C ALA A 137 -16.64 -11.67 9.66
N LYS A 138 -16.13 -12.08 10.82
CA LYS A 138 -16.38 -11.36 12.07
C LYS A 138 -15.36 -10.23 12.20
N LYS A 139 -15.34 -9.38 11.19
CA LYS A 139 -14.32 -8.33 11.08
C LYS A 139 -14.96 -6.99 10.81
N LYS A 140 -14.59 -5.99 11.61
CA LYS A 140 -15.12 -4.64 11.42
C LYS A 140 -13.99 -3.63 11.29
N LYS A 141 -13.41 -3.25 12.43
CA LYS A 141 -12.52 -2.08 12.49
C LYS A 141 -13.28 -0.81 12.16
N ALA A 147 -3.08 -8.94 15.71
CA ALA A 147 -3.16 -9.26 14.29
C ALA A 147 -3.16 -10.77 14.08
N ASP A 148 -4.31 -11.40 14.36
CA ASP A 148 -4.48 -12.84 14.18
C ASP A 148 -5.41 -13.07 13.00
N THR A 149 -5.57 -12.04 12.17
CA THR A 149 -6.31 -12.18 10.93
C THR A 149 -5.30 -12.29 9.80
N LYS A 150 -4.03 -12.14 10.17
CA LYS A 150 -2.93 -12.42 9.28
C LYS A 150 -2.83 -13.93 9.18
N SER A 151 -2.65 -14.60 10.31
CA SER A 151 -2.52 -16.06 10.31
C SER A 151 -3.72 -16.71 9.65
N LYS A 152 -4.82 -15.97 9.59
CA LYS A 152 -6.03 -16.48 9.00
C LYS A 152 -6.01 -16.32 7.49
N LEU A 153 -5.55 -15.16 7.04
CA LEU A 153 -5.46 -14.90 5.61
C LEU A 153 -4.42 -15.82 4.93
N VAL A 154 -3.27 -15.99 5.59
CA VAL A 154 -2.18 -16.81 5.08
C VAL A 154 -2.54 -18.28 4.85
N LYS A 155 -3.59 -18.75 5.49
CA LYS A 155 -4.00 -20.14 5.28
C LYS A 155 -4.75 -20.17 3.97
N LEU A 156 -5.71 -19.25 3.84
CA LEU A 156 -6.53 -19.13 2.64
C LEU A 156 -5.62 -18.81 1.45
N VAL A 157 -4.58 -18.04 1.71
CA VAL A 157 -3.65 -17.71 0.65
C VAL A 157 -3.03 -19.00 0.07
N VAL A 158 -2.48 -19.86 0.91
CA VAL A 158 -1.87 -21.11 0.43
C VAL A 158 -2.97 -22.05 -0.03
N MET A 159 -3.97 -22.26 0.81
CA MET A 159 -5.03 -23.16 0.40
C MET A 159 -5.63 -22.76 -0.95
N VAL A 160 -6.09 -21.51 -1.09
CA VAL A 160 -6.72 -21.11 -2.34
C VAL A 160 -5.79 -20.66 -3.44
N CYS A 161 -5.03 -19.63 -3.19
CA CYS A 161 -4.16 -19.14 -4.22
C CYS A 161 -3.07 -20.08 -4.70
N GLU A 162 -2.26 -20.63 -3.80
CA GLU A 162 -1.18 -21.53 -4.23
C GLU A 162 -1.79 -22.84 -4.72
N GLY A 163 -2.97 -23.17 -4.22
CA GLY A 163 -3.62 -24.39 -4.66
C GLY A 163 -3.99 -24.28 -6.12
N LEU A 164 -4.35 -23.06 -6.54
CA LEU A 164 -4.72 -22.76 -7.93
C LEU A 164 -3.49 -22.79 -8.81
N ARG A 165 -2.40 -22.24 -8.29
CA ARG A 165 -1.13 -22.19 -9.01
C ARG A 165 -0.37 -23.52 -9.11
N PHE A 166 -0.25 -24.22 -7.99
CA PHE A 166 0.52 -25.47 -7.93
C PHE A 166 -0.37 -26.70 -7.87
N ASN A 167 -0.01 -27.71 -8.64
CA ASN A 167 -0.58 -29.04 -8.54
C ASN A 167 -0.07 -29.62 -7.24
N THR A 168 1.20 -29.39 -6.99
CA THR A 168 1.87 -29.89 -5.82
C THR A 168 1.15 -29.45 -4.54
N VAL A 169 0.47 -28.30 -4.61
CA VAL A 169 -0.25 -27.83 -3.43
C VAL A 169 -1.67 -28.38 -3.42
N SER A 170 -2.33 -28.35 -4.57
CA SER A 170 -3.69 -28.86 -4.62
C SER A 170 -3.74 -30.37 -4.39
N ARG A 171 -2.58 -31.02 -4.42
CA ARG A 171 -2.53 -32.48 -4.19
C ARG A 171 -2.29 -32.79 -2.72
N THR A 172 -1.34 -32.09 -2.12
CA THR A 172 -1.04 -32.30 -0.71
C THR A 172 -2.19 -31.79 0.14
N VAL A 173 -2.83 -30.72 -0.30
CA VAL A 173 -3.94 -30.17 0.45
C VAL A 173 -5.19 -31.04 0.29
N ASP A 174 -5.50 -31.47 -0.92
CA ASP A 174 -6.71 -32.31 -1.05
C ASP A 174 -6.57 -33.59 -0.25
N ALA A 175 -5.39 -34.20 -0.32
CA ALA A 175 -5.10 -35.45 0.41
C ALA A 175 -5.26 -35.34 1.92
N GLY A 176 -4.93 -34.20 2.50
CA GLY A 176 -5.04 -34.05 3.95
C GLY A 176 -6.12 -33.09 4.41
N PHE A 177 -7.03 -32.74 3.51
CA PHE A 177 -8.11 -31.80 3.82
C PHE A 177 -9.02 -32.21 4.98
N ASN A 178 -9.34 -33.50 5.07
CA ASN A 178 -10.21 -33.99 6.15
C ASN A 178 -9.43 -34.63 7.31
N SER A 179 -8.13 -34.33 7.37
CA SER A 179 -7.28 -34.84 8.44
C SER A 179 -7.54 -34.09 9.73
N GLN A 180 -7.55 -34.80 10.85
CA GLN A 180 -7.78 -34.19 12.16
C GLN A 180 -6.69 -33.18 12.47
N HIS A 181 -5.43 -33.61 12.29
CA HIS A 181 -4.28 -32.77 12.58
C HIS A 181 -4.00 -31.75 11.50
N GLY A 182 -4.87 -31.69 10.50
CA GLY A 182 -4.66 -30.72 9.43
C GLY A 182 -3.58 -31.17 8.47
N VAL A 183 -3.21 -30.27 7.56
CA VAL A 183 -2.20 -30.59 6.56
C VAL A 183 -1.29 -29.38 6.32
N THR A 184 -0.01 -29.67 6.14
CA THR A 184 1.00 -28.64 5.88
C THR A 184 1.89 -29.10 4.73
N LEU A 185 2.55 -28.17 4.07
CA LEU A 185 3.42 -28.52 2.95
C LEU A 185 4.76 -28.98 3.49
N THR A 186 5.58 -29.57 2.63
CA THR A 186 6.91 -29.97 3.08
C THR A 186 7.82 -28.78 2.83
N VAL A 187 8.87 -28.72 3.61
CA VAL A 187 9.85 -27.67 3.53
C VAL A 187 10.06 -27.25 2.08
N THR A 188 10.48 -28.22 1.28
CA THR A 188 10.76 -28.01 -0.13
C THR A 188 9.58 -27.35 -0.84
N GLN A 189 8.40 -27.94 -0.71
CA GLN A 189 7.20 -27.38 -1.35
C GLN A 189 7.11 -25.87 -1.09
N GLY A 190 7.10 -25.49 0.18
CA GLY A 190 7.03 -24.08 0.52
C GLY A 190 8.01 -23.27 -0.30
N LYS A 191 9.28 -23.61 -0.20
CA LYS A 191 10.30 -22.90 -0.97
C LYS A 191 9.85 -22.75 -2.40
N GLN A 192 9.54 -23.88 -3.05
CA GLN A 192 9.06 -23.90 -4.42
C GLN A 192 7.85 -22.98 -4.60
N VAL A 193 6.91 -23.09 -3.68
CA VAL A 193 5.71 -22.27 -3.73
C VAL A 193 6.05 -20.78 -3.67
N GLN A 194 7.10 -20.42 -2.93
CA GLN A 194 7.51 -19.03 -2.78
C GLN A 194 8.36 -18.56 -3.94
N LYS A 195 8.49 -19.43 -4.93
CA LYS A 195 9.29 -19.09 -6.10
C LYS A 195 8.45 -19.24 -7.35
N TRP A 196 7.13 -19.11 -7.19
CA TRP A 196 6.23 -19.23 -8.33
C TRP A 196 6.69 -18.32 -9.43
N ASP A 197 6.96 -17.08 -9.07
CA ASP A 197 7.44 -16.10 -10.01
C ASP A 197 8.58 -16.65 -10.85
N ARG A 198 9.64 -17.13 -10.19
CA ARG A 198 10.83 -17.60 -10.87
C ARG A 198 10.64 -18.89 -11.65
N ILE A 199 9.97 -19.88 -11.06
CA ILE A 199 9.77 -21.11 -11.80
C ILE A 199 9.13 -20.72 -13.12
N SER A 200 8.07 -19.91 -13.05
CA SER A 200 7.35 -19.42 -14.23
C SER A 200 8.27 -18.79 -15.29
N LYS A 201 9.20 -17.95 -14.85
CA LYS A 201 10.11 -17.32 -15.77
C LYS A 201 10.96 -18.36 -16.49
N ALA A 202 11.28 -19.44 -15.79
CA ALA A 202 12.10 -20.51 -16.36
C ALA A 202 11.27 -21.40 -17.28
N ALA A 203 9.95 -21.29 -17.15
CA ALA A 203 9.06 -22.06 -18.01
C ALA A 203 9.21 -21.41 -19.38
N PHE A 204 9.38 -20.10 -19.37
CA PHE A 204 9.54 -19.35 -20.60
C PHE A 204 10.93 -19.60 -21.13
N GLU A 205 11.92 -19.51 -20.25
CA GLU A 205 13.29 -19.76 -20.63
C GLU A 205 13.39 -21.14 -21.28
N TRP A 206 12.73 -22.13 -20.67
CA TRP A 206 12.73 -23.49 -21.19
C TRP A 206 11.99 -23.68 -22.50
N ALA A 207 11.10 -22.75 -22.83
CA ALA A 207 10.39 -22.83 -24.09
C ALA A 207 11.41 -22.53 -25.20
N ASP A 208 12.26 -21.54 -24.94
CA ASP A 208 13.32 -21.14 -25.85
C ASP A 208 14.38 -22.24 -25.89
N HIS A 209 15.06 -22.45 -24.77
CA HIS A 209 16.10 -23.46 -24.65
C HIS A 209 15.70 -24.58 -23.67
N PRO A 210 14.88 -25.54 -24.11
CA PRO A 210 14.45 -26.64 -23.25
C PRO A 210 15.58 -27.33 -22.54
N THR A 211 16.78 -27.14 -23.03
CA THR A 211 17.91 -27.81 -22.45
C THR A 211 18.55 -27.03 -21.33
N ALA A 212 18.62 -25.71 -21.51
CA ALA A 212 19.26 -24.86 -20.53
C ALA A 212 19.14 -25.37 -19.11
N VAL A 213 20.27 -25.43 -18.41
CA VAL A 213 20.29 -25.77 -16.99
C VAL A 213 20.10 -24.42 -16.25
N ILE A 214 19.13 -24.34 -15.36
CA ILE A 214 18.87 -23.10 -14.64
C ILE A 214 19.01 -23.25 -13.15
N PRO A 215 20.24 -23.11 -12.66
CA PRO A 215 20.59 -23.22 -11.23
C PRO A 215 19.52 -22.78 -10.23
N ASP A 216 18.68 -21.81 -10.59
CA ASP A 216 17.63 -21.37 -9.69
C ASP A 216 16.62 -22.49 -9.53
N MET A 217 16.33 -23.19 -10.63
CA MET A 217 15.42 -24.33 -10.59
C MET A 217 16.16 -25.53 -9.98
N GLN A 218 17.45 -25.64 -10.29
CA GLN A 218 18.31 -26.68 -9.72
C GLN A 218 18.29 -26.53 -8.21
N LYS A 219 18.44 -25.29 -7.77
CA LYS A 219 18.47 -24.93 -6.37
C LYS A 219 17.14 -25.18 -5.64
N LEU A 220 16.11 -25.55 -6.39
CA LEU A 220 14.80 -25.80 -5.80
C LEU A 220 14.37 -27.26 -5.92
N GLY A 221 15.24 -28.08 -6.50
CA GLY A 221 14.91 -29.49 -6.67
C GLY A 221 14.16 -29.78 -7.96
N ILE A 222 14.21 -28.82 -8.88
CA ILE A 222 13.55 -28.95 -10.17
C ILE A 222 14.62 -29.13 -11.23
N LYS A 223 14.67 -30.34 -11.79
CA LYS A 223 15.66 -30.72 -12.81
C LYS A 223 15.51 -30.09 -14.19
N ASP A 224 14.30 -30.18 -14.74
CA ASP A 224 14.02 -29.66 -16.07
C ASP A 224 12.61 -29.10 -16.21
N LYS A 225 12.25 -28.72 -17.43
CA LYS A 225 10.94 -28.16 -17.69
C LYS A 225 9.89 -29.23 -17.44
N ASN A 226 10.33 -30.48 -17.54
CA ASN A 226 9.46 -31.64 -17.32
C ASN A 226 9.02 -31.66 -15.85
N GLU A 227 9.99 -31.62 -14.94
CA GLU A 227 9.70 -31.66 -13.51
C GLU A 227 8.83 -30.49 -13.09
N ALA A 228 9.16 -29.30 -13.57
CA ALA A 228 8.40 -28.10 -13.25
C ALA A 228 6.93 -28.23 -13.73
N ALA A 229 6.74 -28.82 -14.91
CA ALA A 229 5.41 -29.01 -15.47
C ALA A 229 4.47 -29.77 -14.54
N ARG A 230 5.00 -30.72 -13.76
CA ARG A 230 4.18 -31.52 -12.85
C ARG A 230 3.96 -30.81 -11.52
N ILE A 231 4.80 -29.82 -11.25
CA ILE A 231 4.71 -29.03 -10.03
C ILE A 231 3.72 -27.88 -10.19
N VAL A 232 4.08 -26.89 -11.01
CA VAL A 232 3.15 -25.82 -11.35
C VAL A 232 2.04 -26.32 -12.28
N ALA A 233 0.84 -25.79 -12.06
CA ALA A 233 -0.31 -26.01 -12.94
C ALA A 233 -0.37 -24.80 -13.88
N LEU A 234 -0.43 -23.61 -13.30
CA LEU A 234 -0.54 -22.37 -14.06
C LEU A 234 0.73 -21.54 -14.01
N VAL A 235 1.11 -20.93 -15.14
CA VAL A 235 2.29 -20.09 -15.15
C VAL A 235 2.00 -18.58 -15.33
N LYS A 236 3.04 -17.77 -15.40
CA LYS A 236 2.90 -16.33 -15.29
C LYS A 236 3.29 -15.49 -16.51
N ASN A 237 4.57 -15.28 -16.73
CA ASN A 237 5.00 -14.02 -17.33
C ASN A 237 6.48 -13.92 -17.69
N GLN A 238 6.82 -12.85 -18.40
CA GLN A 238 6.85 -12.84 -19.83
C GLN A 238 8.21 -13.32 -20.28
N MET B 1 32.96 14.73 -17.27
CA MET B 1 33.59 14.11 -18.48
C MET B 1 34.90 13.38 -18.19
N LYS B 2 34.98 12.73 -17.03
CA LYS B 2 36.17 11.98 -16.65
C LYS B 2 35.94 10.49 -16.94
N PHE B 3 37.02 9.79 -17.26
CA PHE B 3 36.90 8.38 -17.52
C PHE B 3 37.43 7.59 -16.34
N THR B 4 36.51 7.01 -15.59
CA THR B 4 36.88 6.23 -14.43
C THR B 4 37.84 5.14 -14.84
N GLU B 5 38.78 4.82 -13.95
CA GLU B 5 39.72 3.77 -14.25
C GLU B 5 38.91 2.47 -14.39
N ILE B 6 39.28 1.66 -15.38
CA ILE B 6 38.59 0.40 -15.65
C ILE B 6 38.40 -0.47 -14.40
N PHE B 7 37.47 -1.41 -14.50
CA PHE B 7 37.24 -2.33 -13.43
C PHE B 7 37.21 -3.74 -13.97
N PRO B 8 38.30 -4.48 -13.71
CA PRO B 8 38.47 -5.88 -14.14
C PRO B 8 37.59 -6.67 -13.19
N VAL B 9 36.35 -6.89 -13.61
CA VAL B 9 35.36 -7.56 -12.78
C VAL B 9 35.68 -8.97 -12.33
N GLU B 10 35.99 -9.84 -13.27
CA GLU B 10 36.29 -11.22 -12.96
C GLU B 10 37.65 -11.36 -12.28
N ASP B 11 38.40 -10.26 -12.20
CA ASP B 11 39.72 -10.29 -11.59
C ASP B 11 39.65 -10.15 -10.07
N ALA B 12 39.94 -11.23 -9.37
CA ALA B 12 39.88 -11.24 -7.91
C ALA B 12 41.02 -10.43 -7.28
N ASN B 13 42.11 -10.25 -8.01
CA ASN B 13 43.26 -9.50 -7.48
C ASN B 13 42.95 -8.03 -7.34
N TYR B 14 41.75 -7.63 -7.74
CA TYR B 14 41.33 -6.25 -7.68
C TYR B 14 40.04 -6.11 -6.84
N PRO B 15 40.11 -5.34 -5.76
CA PRO B 15 38.92 -5.17 -4.91
C PRO B 15 37.91 -4.13 -5.34
N TYR B 16 36.67 -4.36 -4.93
CA TYR B 16 35.55 -3.48 -5.22
C TYR B 16 35.76 -2.10 -4.56
N SER B 17 36.27 -2.08 -3.34
CA SER B 17 36.53 -0.82 -2.62
C SER B 17 37.46 0.05 -3.42
N ALA B 18 38.54 -0.58 -3.86
CA ALA B 18 39.56 0.07 -4.66
C ALA B 18 38.88 0.78 -5.81
N PHE B 19 37.87 0.11 -6.36
CA PHE B 19 37.12 0.67 -7.47
C PHE B 19 36.37 1.92 -7.01
N ILE B 20 35.55 1.77 -5.99
CA ILE B 20 34.76 2.87 -5.44
C ILE B 20 35.66 4.02 -5.00
N ALA B 21 36.67 3.68 -4.22
CA ALA B 21 37.60 4.65 -3.68
C ALA B 21 38.17 5.56 -4.76
N SER B 22 38.68 4.95 -5.82
CA SER B 22 39.27 5.69 -6.92
C SER B 22 38.24 6.55 -7.63
N VAL B 23 37.11 5.94 -8.00
CA VAL B 23 36.04 6.65 -8.70
C VAL B 23 35.60 7.82 -7.85
N ARG B 24 35.47 7.59 -6.54
CA ARG B 24 35.07 8.70 -5.68
C ARG B 24 36.06 9.82 -5.86
N LYS B 25 37.35 9.48 -5.74
CA LYS B 25 38.47 10.41 -5.89
C LYS B 25 38.26 11.30 -7.11
N ASP B 26 37.89 10.68 -8.22
CA ASP B 26 37.65 11.45 -9.43
C ASP B 26 36.43 12.34 -9.26
N VAL B 27 35.40 11.81 -8.61
CA VAL B 27 34.18 12.60 -8.42
C VAL B 27 34.44 13.82 -7.54
N ILE B 28 35.07 13.59 -6.40
CA ILE B 28 35.34 14.64 -5.44
C ILE B 28 36.12 15.84 -5.97
N LYS B 29 36.81 15.66 -7.08
CA LYS B 29 37.59 16.75 -7.67
C LYS B 29 36.64 17.79 -8.25
N HIS B 30 35.36 17.44 -8.32
CA HIS B 30 34.37 18.35 -8.87
C HIS B 30 33.36 18.76 -7.82
N CYS B 31 33.69 18.49 -6.57
CA CYS B 31 32.82 18.84 -5.46
C CYS B 31 33.36 20.06 -4.73
N THR B 32 32.49 20.70 -3.94
CA THR B 32 32.91 21.87 -3.18
C THR B 32 32.71 21.70 -1.69
N ASP B 33 33.53 22.43 -0.95
CA ASP B 33 33.47 22.44 0.49
C ASP B 33 32.32 23.37 0.81
N HIS B 34 31.44 22.93 1.71
CA HIS B 34 30.32 23.73 2.16
C HIS B 34 30.45 23.77 3.67
N LYS B 35 30.68 24.96 4.21
CA LYS B 35 30.84 25.15 5.65
C LYS B 35 29.79 24.36 6.45
N GLY B 36 30.24 23.45 7.30
CA GLY B 36 29.30 22.70 8.10
C GLY B 36 28.90 21.33 7.59
N ILE B 37 29.34 20.94 6.40
CA ILE B 37 28.96 19.63 5.90
C ILE B 37 30.20 18.76 5.94
N PHE B 38 30.06 17.50 6.33
CA PHE B 38 31.23 16.61 6.41
C PHE B 38 31.61 15.93 5.11
N GLN B 39 30.63 15.71 4.25
CA GLN B 39 30.85 15.06 2.98
C GLN B 39 30.97 16.06 1.84
N PRO B 40 31.75 15.72 0.81
CA PRO B 40 31.91 16.61 -0.34
C PRO B 40 30.53 16.94 -0.89
N VAL B 41 30.36 18.14 -1.44
CA VAL B 41 29.07 18.51 -2.02
C VAL B 41 29.16 18.38 -3.53
N LEU B 42 28.34 17.50 -4.08
CA LEU B 42 28.31 17.25 -5.52
C LEU B 42 27.86 18.43 -6.38
N PRO B 43 28.37 18.51 -7.63
CA PRO B 43 27.98 19.60 -8.51
C PRO B 43 26.47 19.83 -8.45
N PRO B 44 26.01 21.06 -8.73
CA PRO B 44 24.56 21.29 -8.66
C PRO B 44 23.86 20.68 -9.87
N GLU B 45 22.56 20.47 -9.73
CA GLU B 45 21.80 19.88 -10.82
C GLU B 45 21.46 20.88 -11.93
N LYS B 46 21.63 20.43 -13.16
CA LYS B 46 21.33 21.19 -14.36
C LYS B 46 20.44 20.31 -15.23
N LYS B 47 19.43 20.90 -15.86
CA LYS B 47 18.52 20.13 -16.72
C LYS B 47 19.37 19.35 -17.74
N VAL B 48 20.51 19.94 -18.10
CA VAL B 48 21.44 19.35 -19.03
C VAL B 48 22.71 19.17 -18.20
N PRO B 49 22.96 17.94 -17.73
CA PRO B 49 24.17 17.74 -16.92
C PRO B 49 25.48 18.05 -17.62
N GLU B 50 26.35 18.77 -16.91
CA GLU B 50 27.64 19.16 -17.44
C GLU B 50 28.77 18.17 -17.10
N LEU B 51 28.77 17.62 -15.89
CA LEU B 51 29.84 16.69 -15.52
C LEU B 51 29.42 15.23 -15.57
N TRP B 52 30.15 14.42 -16.32
CA TRP B 52 29.83 13.01 -16.46
C TRP B 52 30.90 12.06 -15.93
N LEU B 53 30.46 10.84 -15.63
CA LEU B 53 31.30 9.79 -15.10
C LEU B 53 31.20 8.63 -16.09
N TYR B 54 32.33 8.19 -16.63
CA TYR B 54 32.31 7.06 -17.57
C TYR B 54 33.11 5.92 -16.99
N THR B 55 32.40 4.94 -16.44
CA THR B 55 33.03 3.79 -15.81
C THR B 55 32.83 2.49 -16.56
N GLU B 56 33.91 1.98 -17.12
CA GLU B 56 33.86 0.73 -17.88
C GLU B 56 34.01 -0.47 -16.97
N LEU B 57 33.06 -1.38 -17.09
CA LEU B 57 33.08 -2.60 -16.31
C LEU B 57 33.39 -3.70 -17.30
N LYS B 58 34.59 -4.25 -17.19
CA LYS B 58 35.06 -5.29 -18.11
C LYS B 58 35.35 -6.63 -17.44
N THR B 59 34.94 -7.69 -18.13
CA THR B 59 35.15 -9.06 -17.67
C THR B 59 36.15 -9.74 -18.61
N ARG B 60 36.37 -11.03 -18.41
CA ARG B 60 37.31 -11.76 -19.25
C ARG B 60 36.80 -11.96 -20.65
N THR B 61 35.51 -11.72 -20.88
CA THR B 61 34.95 -11.94 -22.21
C THR B 61 34.25 -10.75 -22.88
N SER B 62 33.97 -9.69 -22.13
CA SER B 62 33.32 -8.52 -22.68
C SER B 62 33.42 -7.32 -21.74
N SER B 63 32.51 -6.35 -21.90
CA SER B 63 32.49 -5.15 -21.06
C SER B 63 31.43 -4.17 -21.53
N ILE B 64 31.04 -3.24 -20.65
CA ILE B 64 30.08 -2.19 -20.99
C ILE B 64 30.53 -0.91 -20.31
N THR B 65 30.17 0.22 -20.88
CA THR B 65 30.53 1.48 -20.23
C THR B 65 29.26 2.12 -19.70
N LEU B 66 29.26 2.43 -18.41
CA LEU B 66 28.12 3.06 -17.76
C LEU B 66 28.27 4.58 -17.82
N ALA B 67 27.19 5.27 -18.18
CA ALA B 67 27.19 6.72 -18.24
C ALA B 67 26.47 7.24 -16.98
N ILE B 68 27.24 7.89 -16.10
CA ILE B 68 26.70 8.40 -14.85
C ILE B 68 26.91 9.91 -14.70
N ARG B 69 25.82 10.60 -14.39
CA ARG B 69 25.84 12.02 -14.18
C ARG B 69 26.27 12.21 -12.74
N MET B 70 27.29 13.04 -12.55
CA MET B 70 27.84 13.29 -11.23
C MET B 70 26.83 14.01 -10.34
N ASP B 71 26.17 15.01 -10.91
CA ASP B 71 25.32 15.88 -10.11
C ASP B 71 24.42 15.16 -9.11
N ASN B 72 23.85 14.01 -9.46
CA ASN B 72 23.09 13.26 -8.47
C ASN B 72 23.55 11.81 -8.54
N LEU B 73 24.74 11.61 -9.11
CA LEU B 73 25.37 10.28 -9.24
C LEU B 73 24.46 9.16 -9.74
N TYR B 74 23.68 9.50 -10.76
CA TYR B 74 22.68 8.63 -11.38
C TYR B 74 23.08 7.92 -12.71
N LEU B 75 22.83 6.62 -12.78
CA LEU B 75 23.15 5.86 -13.99
C LEU B 75 22.18 6.33 -15.08
N VAL B 76 22.72 6.80 -16.20
CA VAL B 76 21.86 7.29 -17.28
C VAL B 76 21.73 6.32 -18.45
N GLY B 77 22.76 5.50 -18.63
CA GLY B 77 22.76 4.55 -19.72
C GLY B 77 24.10 3.85 -19.76
N PHE B 78 24.16 2.80 -20.55
CA PHE B 78 25.41 2.05 -20.68
C PHE B 78 25.71 1.85 -22.16
N ARG B 79 26.96 1.53 -22.47
CA ARG B 79 27.39 1.30 -23.84
C ARG B 79 27.85 -0.14 -24.03
N THR B 80 27.30 -0.80 -25.04
CA THR B 80 27.66 -2.18 -25.38
C THR B 80 28.96 -2.17 -26.17
N PRO B 81 29.67 -3.31 -26.19
CA PRO B 81 30.94 -3.37 -26.93
C PRO B 81 30.70 -3.21 -28.43
N GLY B 82 29.43 -3.25 -28.82
CA GLY B 82 29.07 -3.08 -30.21
C GLY B 82 28.99 -1.58 -30.45
N GLY B 83 29.40 -0.83 -29.42
CA GLY B 83 29.39 0.62 -29.50
C GLY B 83 28.04 1.29 -29.46
N VAL B 84 27.02 0.59 -28.99
CA VAL B 84 25.67 1.15 -28.93
C VAL B 84 25.26 1.67 -27.54
N TRP B 85 24.80 2.92 -27.47
CA TRP B 85 24.36 3.45 -26.18
C TRP B 85 22.88 3.18 -25.96
N TRP B 86 22.57 2.70 -24.76
CA TRP B 86 21.20 2.45 -24.36
C TRP B 86 20.99 3.40 -23.17
N GLU B 87 19.92 4.20 -23.25
CA GLU B 87 19.58 5.19 -22.24
C GLU B 87 18.21 5.01 -21.60
N PHE B 88 18.10 5.28 -20.29
CA PHE B 88 16.82 5.17 -19.58
C PHE B 88 15.86 6.20 -20.14
N GLY B 89 14.66 5.78 -20.51
CA GLY B 89 13.69 6.71 -21.04
C GLY B 89 12.87 6.07 -22.14
N LYS B 90 12.00 6.85 -22.78
CA LYS B 90 11.17 6.34 -23.86
C LYS B 90 11.05 7.34 -25.01
N ASP B 91 10.58 6.85 -26.15
CA ASP B 91 10.38 7.68 -27.31
C ASP B 91 9.67 8.96 -26.87
N GLY B 92 10.12 10.10 -27.40
CA GLY B 92 9.52 11.36 -27.02
C GLY B 92 10.29 12.02 -25.90
N ASP B 93 11.05 11.22 -25.17
CA ASP B 93 11.85 11.76 -24.10
C ASP B 93 13.06 12.36 -24.77
N THR B 94 13.74 13.27 -24.08
CA THR B 94 14.91 13.92 -24.64
C THR B 94 16.15 13.15 -24.22
N HIS B 95 17.01 12.84 -25.18
CA HIS B 95 18.23 12.12 -24.88
C HIS B 95 19.17 13.06 -24.15
N LEU B 96 19.94 12.51 -23.22
CA LEU B 96 20.96 13.27 -22.52
C LEU B 96 22.29 12.57 -22.75
N LEU B 97 22.22 11.46 -23.47
CA LEU B 97 23.40 10.81 -24.01
C LEU B 97 23.60 11.17 -25.48
N GLY B 98 24.84 11.05 -25.94
CA GLY B 98 25.15 11.38 -27.32
C GLY B 98 25.31 10.17 -28.20
N ASP B 99 26.15 10.31 -29.22
CA ASP B 99 26.42 9.24 -30.17
C ASP B 99 25.21 8.33 -30.45
N ASN B 100 24.18 8.90 -31.07
CA ASN B 100 22.95 8.16 -31.42
C ASN B 100 22.55 7.06 -30.44
N PRO B 101 22.12 7.44 -29.23
CA PRO B 101 21.71 6.47 -28.23
C PRO B 101 20.33 5.91 -28.51
N ARG B 102 19.99 4.79 -27.85
CA ARG B 102 18.69 4.14 -28.00
C ARG B 102 17.93 4.03 -26.65
N TRP B 103 16.62 4.30 -26.67
CA TRP B 103 15.81 4.24 -25.44
C TRP B 103 15.58 2.82 -24.94
N LEU B 104 16.11 2.52 -23.76
CA LEU B 104 15.95 1.21 -23.18
C LEU B 104 14.48 0.87 -23.19
N GLY B 105 13.65 1.92 -23.11
CA GLY B 105 12.21 1.74 -23.11
C GLY B 105 11.55 1.80 -21.74
N PHE B 106 12.34 2.06 -20.71
CA PHE B 106 11.78 2.12 -19.37
C PHE B 106 12.62 3.03 -18.49
N GLY B 107 12.01 3.50 -17.40
CA GLY B 107 12.68 4.40 -16.49
C GLY B 107 13.91 3.93 -15.74
N GLY B 108 14.55 4.87 -15.06
CA GLY B 108 15.75 4.59 -14.32
C GLY B 108 15.57 4.57 -12.81
N ARG B 109 14.37 4.80 -12.32
CA ARG B 109 14.27 4.76 -10.87
C ARG B 109 13.80 3.39 -10.37
N TYR B 110 13.98 3.15 -9.09
CA TYR B 110 13.50 1.94 -8.44
C TYR B 110 11.98 1.84 -8.53
N GLN B 111 11.37 2.95 -8.95
CA GLN B 111 9.99 2.88 -9.44
C GLN B 111 9.95 2.09 -10.77
N ASP B 112 11.01 2.21 -11.56
CA ASP B 112 10.98 1.72 -12.93
C ASP B 112 11.64 0.37 -13.08
N LEU B 113 12.52 0.02 -12.14
CA LEU B 113 13.31 -1.19 -12.23
C LEU B 113 12.82 -2.40 -11.45
N ILE B 114 12.45 -2.19 -10.20
CA ILE B 114 11.98 -3.28 -9.36
C ILE B 114 10.65 -2.98 -8.67
N GLY B 115 9.81 -2.20 -9.36
CA GLY B 115 8.53 -1.85 -8.80
C GLY B 115 8.65 -1.39 -7.36
N ASN B 116 7.68 -1.80 -6.55
CA ASN B 116 7.66 -1.43 -5.15
C ASN B 116 8.46 -2.39 -4.27
N LYS B 117 9.24 -3.28 -4.91
CA LYS B 117 10.06 -4.22 -4.17
C LYS B 117 11.08 -3.46 -3.33
N GLY B 118 11.76 -4.15 -2.44
CA GLY B 118 12.75 -3.51 -1.59
C GLY B 118 14.16 -3.80 -2.07
N LEU B 119 15.08 -2.88 -1.82
CA LEU B 119 16.45 -3.07 -2.26
C LEU B 119 17.15 -4.29 -1.68
N GLU B 120 16.65 -4.82 -0.58
CA GLU B 120 17.26 -6.02 0.00
C GLU B 120 16.95 -7.21 -0.90
N THR B 121 16.11 -6.99 -1.90
CA THR B 121 15.73 -8.05 -2.82
C THR B 121 16.73 -8.16 -3.98
N VAL B 122 17.57 -7.15 -4.17
CA VAL B 122 18.55 -7.17 -5.25
C VAL B 122 19.85 -7.83 -4.79
N THR B 123 20.25 -8.90 -5.48
CA THR B 123 21.46 -9.63 -5.13
C THR B 123 22.71 -9.01 -5.74
N MET B 124 23.80 -8.94 -4.97
CA MET B 124 25.01 -8.34 -5.52
C MET B 124 26.27 -9.19 -5.48
N GLY B 125 27.43 -8.54 -5.47
CA GLY B 125 28.71 -9.25 -5.46
C GLY B 125 29.41 -9.40 -6.80
N ARG B 126 30.68 -9.80 -6.75
CA ARG B 126 31.49 -9.98 -7.95
C ARG B 126 30.82 -10.78 -9.07
N ALA B 127 30.42 -12.03 -8.78
CA ALA B 127 29.78 -12.90 -9.76
C ALA B 127 28.54 -12.30 -10.40
N GLU B 128 27.76 -11.56 -9.62
CA GLU B 128 26.54 -10.94 -10.12
C GLU B 128 26.84 -9.83 -11.13
N MET B 129 27.90 -9.10 -10.86
CA MET B 129 28.30 -7.99 -11.71
C MET B 129 28.84 -8.54 -13.03
N THR B 130 29.49 -9.68 -12.92
CA THR B 130 30.06 -10.31 -14.09
C THR B 130 28.93 -10.72 -15.02
N ARG B 131 27.85 -11.25 -14.45
CA ARG B 131 26.72 -11.68 -15.26
C ARG B 131 25.98 -10.46 -15.79
N ALA B 132 26.01 -9.40 -15.00
CA ALA B 132 25.34 -8.16 -15.38
C ALA B 132 26.01 -7.55 -16.62
N VAL B 133 27.34 -7.52 -16.62
CA VAL B 133 28.08 -6.97 -17.76
C VAL B 133 27.93 -7.79 -19.01
N ASN B 134 28.11 -9.10 -18.90
CA ASN B 134 28.02 -9.97 -20.06
C ASN B 134 26.64 -9.99 -20.69
N ASP B 135 25.59 -9.94 -19.87
CA ASP B 135 24.23 -9.92 -20.40
C ASP B 135 23.90 -8.57 -21.06
N LEU B 136 24.30 -7.50 -20.39
CA LEU B 136 24.06 -6.15 -20.89
C LEU B 136 24.85 -5.93 -22.17
N ALA B 137 26.03 -6.52 -22.24
CA ALA B 137 26.90 -6.39 -23.41
C ALA B 137 26.26 -6.95 -24.68
N LYS B 138 25.82 -8.20 -24.62
CA LYS B 138 25.20 -8.87 -25.78
C LYS B 138 23.75 -8.41 -26.00
N LYS B 139 23.52 -7.10 -25.84
CA LYS B 139 22.19 -6.53 -26.00
C LYS B 139 21.91 -5.98 -27.39
N LYS B 140 20.88 -6.51 -28.06
CA LYS B 140 20.58 -6.07 -29.42
C LYS B 140 19.21 -5.42 -29.68
N LYS B 141 18.19 -5.75 -28.89
CA LYS B 141 16.87 -5.16 -29.12
C LYS B 141 16.05 -4.94 -27.84
N ALA B 147 11.78 -7.50 -19.86
CA ALA B 147 13.04 -6.96 -19.38
C ALA B 147 13.65 -7.71 -18.19
N ASP B 148 14.67 -8.51 -18.45
CA ASP B 148 15.46 -9.12 -17.40
C ASP B 148 16.72 -8.29 -17.30
N THR B 149 16.76 -7.25 -18.13
CA THR B 149 17.89 -6.36 -18.23
C THR B 149 17.65 -5.31 -17.18
N LYS B 150 16.42 -5.24 -16.69
CA LYS B 150 16.08 -4.31 -15.62
C LYS B 150 16.74 -4.89 -14.38
N SER B 151 16.72 -6.22 -14.30
CA SER B 151 17.29 -6.98 -13.19
C SER B 151 18.79 -6.86 -13.04
N LYS B 152 19.48 -6.76 -14.18
CA LYS B 152 20.94 -6.66 -14.23
C LYS B 152 21.42 -5.23 -14.05
N LEU B 153 20.55 -4.28 -14.38
CA LEU B 153 20.86 -2.86 -14.26
C LEU B 153 20.69 -2.38 -12.83
N VAL B 154 19.67 -2.88 -12.14
CA VAL B 154 19.45 -2.45 -10.77
C VAL B 154 20.58 -3.01 -9.94
N LYS B 155 21.12 -4.14 -10.35
CA LYS B 155 22.22 -4.69 -9.59
C LYS B 155 23.35 -3.69 -9.69
N LEU B 156 23.67 -3.31 -10.92
CA LEU B 156 24.73 -2.34 -11.16
C LEU B 156 24.40 -1.00 -10.48
N VAL B 157 23.18 -0.54 -10.62
CA VAL B 157 22.78 0.71 -10.00
C VAL B 157 23.20 0.75 -8.52
N VAL B 158 22.87 -0.29 -7.76
CA VAL B 158 23.19 -0.32 -6.35
C VAL B 158 24.66 -0.58 -6.04
N MET B 159 25.36 -1.32 -6.90
CA MET B 159 26.77 -1.59 -6.64
C MET B 159 27.62 -0.37 -6.97
N VAL B 160 27.51 0.13 -8.19
CA VAL B 160 28.29 1.29 -8.61
C VAL B 160 27.77 2.61 -8.05
N CYS B 161 26.59 3.00 -8.52
CA CYS B 161 25.95 4.26 -8.12
C CYS B 161 25.70 4.41 -6.64
N GLU B 162 24.82 3.60 -6.07
CA GLU B 162 24.55 3.72 -4.63
C GLU B 162 25.87 3.56 -3.89
N GLY B 163 26.76 2.73 -4.45
CA GLY B 163 28.05 2.49 -3.85
C GLY B 163 28.88 3.75 -3.63
N LEU B 164 28.91 4.62 -4.63
CA LEU B 164 29.67 5.87 -4.55
C LEU B 164 29.09 6.81 -3.52
N ARG B 165 27.75 6.87 -3.52
CA ARG B 165 26.96 7.71 -2.62
C ARG B 165 27.02 7.37 -1.13
N PHE B 166 26.72 6.10 -0.81
CA PHE B 166 26.69 5.62 0.58
C PHE B 166 27.88 4.78 1.03
N ASN B 167 28.50 5.15 2.16
CA ASN B 167 29.63 4.38 2.71
C ASN B 167 29.01 3.06 3.12
N THR B 168 27.81 3.14 3.67
CA THR B 168 27.09 1.97 4.12
C THR B 168 26.94 0.93 3.01
N VAL B 169 26.84 1.40 1.77
CA VAL B 169 26.68 0.52 0.62
C VAL B 169 28.03 -0.06 0.19
N SER B 170 28.99 0.82 -0.06
CA SER B 170 30.30 0.38 -0.51
C SER B 170 31.04 -0.56 0.46
N ARG B 171 30.71 -0.51 1.75
CA ARG B 171 31.35 -1.39 2.72
C ARG B 171 30.63 -2.73 2.80
N THR B 172 29.30 -2.69 2.74
CA THR B 172 28.48 -3.88 2.77
C THR B 172 28.75 -4.74 1.57
N VAL B 173 28.96 -4.07 0.44
CA VAL B 173 29.23 -4.79 -0.79
C VAL B 173 30.64 -5.34 -0.82
N ASP B 174 31.61 -4.44 -0.75
CA ASP B 174 32.99 -4.88 -0.78
C ASP B 174 33.26 -6.06 0.12
N ALA B 175 32.63 -6.05 1.28
CA ALA B 175 32.82 -7.14 2.24
C ALA B 175 31.86 -8.28 1.98
N GLY B 176 31.57 -8.54 0.70
CA GLY B 176 30.68 -9.62 0.35
C GLY B 176 30.88 -9.95 -1.11
N PHE B 177 31.62 -9.07 -1.77
CA PHE B 177 31.93 -9.19 -3.19
C PHE B 177 32.23 -10.63 -3.62
N ASN B 178 33.28 -11.20 -3.01
CA ASN B 178 33.72 -12.56 -3.33
C ASN B 178 32.94 -13.67 -2.65
N SER B 179 31.76 -13.36 -2.11
CA SER B 179 30.95 -14.35 -1.43
C SER B 179 30.10 -15.19 -2.38
N GLN B 180 29.94 -16.47 -2.05
CA GLN B 180 29.14 -17.41 -2.83
C GLN B 180 27.69 -16.94 -2.85
N HIS B 181 27.13 -16.82 -1.65
CA HIS B 181 25.75 -16.41 -1.44
C HIS B 181 25.46 -15.00 -1.99
N GLY B 182 26.47 -14.39 -2.58
CA GLY B 182 26.27 -13.04 -3.07
C GLY B 182 26.21 -12.11 -1.88
N VAL B 183 25.50 -10.99 -2.03
CA VAL B 183 25.37 -10.02 -0.96
C VAL B 183 24.18 -9.10 -1.21
N THR B 184 23.43 -8.80 -0.15
CA THR B 184 22.27 -7.93 -0.25
C THR B 184 22.34 -6.89 0.85
N LEU B 185 21.46 -5.92 0.78
CA LEU B 185 21.45 -4.89 1.79
C LEU B 185 20.40 -5.29 2.83
N THR B 186 20.43 -4.61 3.98
CA THR B 186 19.45 -4.88 5.02
C THR B 186 18.28 -3.98 4.66
N VAL B 187 17.08 -4.35 5.08
CA VAL B 187 15.94 -3.53 4.74
C VAL B 187 16.13 -2.09 5.21
N THR B 188 16.84 -1.90 6.32
CA THR B 188 17.05 -0.54 6.81
C THR B 188 17.98 0.21 5.87
N GLN B 189 18.94 -0.51 5.32
CA GLN B 189 19.87 0.09 4.39
C GLN B 189 19.12 0.57 3.15
N GLY B 190 18.32 -0.31 2.55
CA GLY B 190 17.57 0.08 1.37
C GLY B 190 16.70 1.30 1.61
N LYS B 191 16.06 1.35 2.77
CA LYS B 191 15.20 2.49 3.09
C LYS B 191 16.05 3.76 3.16
N GLN B 192 17.24 3.65 3.72
CA GLN B 192 18.13 4.79 3.82
C GLN B 192 18.64 5.16 2.44
N VAL B 193 18.98 4.16 1.65
CA VAL B 193 19.49 4.39 0.31
C VAL B 193 18.48 5.14 -0.53
N GLN B 194 17.24 4.67 -0.54
CA GLN B 194 16.19 5.32 -1.31
C GLN B 194 15.87 6.70 -0.77
N LYS B 195 16.60 7.12 0.25
CA LYS B 195 16.39 8.43 0.87
C LYS B 195 17.59 9.33 0.70
N TRP B 196 18.45 8.98 -0.24
CA TRP B 196 19.65 9.76 -0.44
C TRP B 196 19.44 11.26 -0.51
N ASP B 197 18.46 11.68 -1.30
CA ASP B 197 18.21 13.10 -1.47
C ASP B 197 17.63 13.73 -0.24
N ARG B 198 16.99 12.95 0.62
CA ARG B 198 16.53 13.54 1.87
C ARG B 198 17.69 13.56 2.89
N ILE B 199 18.49 12.50 3.00
CA ILE B 199 19.60 12.61 3.93
C ILE B 199 20.45 13.81 3.51
N SER B 200 20.58 14.03 2.21
CA SER B 200 21.35 15.17 1.72
C SER B 200 20.74 16.50 2.18
N LYS B 201 19.41 16.62 2.12
CA LYS B 201 18.75 17.84 2.56
C LYS B 201 18.99 18.02 4.05
N ALA B 202 19.13 16.91 4.76
CA ALA B 202 19.36 16.96 6.20
C ALA B 202 20.76 17.42 6.54
N ALA B 203 21.69 17.26 5.59
CA ALA B 203 23.07 17.65 5.80
C ALA B 203 23.13 19.17 5.85
N PHE B 204 22.46 19.81 4.89
CA PHE B 204 22.45 21.26 4.83
C PHE B 204 21.72 21.82 6.03
N GLU B 205 20.80 21.03 6.57
CA GLU B 205 20.03 21.44 7.73
C GLU B 205 20.96 21.38 8.92
N TRP B 206 21.63 20.26 9.07
CA TRP B 206 22.55 20.11 10.17
C TRP B 206 23.75 21.04 10.05
N ALA B 207 23.98 21.53 8.85
CA ALA B 207 25.11 22.43 8.66
C ALA B 207 24.66 23.73 9.26
N ASP B 208 23.35 23.92 9.20
CA ASP B 208 22.81 25.16 9.66
C ASP B 208 22.40 25.14 11.11
N HIS B 209 22.24 23.94 11.66
CA HIS B 209 21.77 23.81 13.03
C HIS B 209 22.13 22.43 13.57
N PRO B 210 23.43 22.19 13.77
CA PRO B 210 23.93 20.92 14.28
C PRO B 210 23.09 20.38 15.42
N THR B 211 22.26 21.23 15.98
CA THR B 211 21.53 20.88 17.17
C THR B 211 20.29 20.04 17.02
N ALA B 212 19.64 20.29 15.90
CA ALA B 212 18.25 19.93 15.74
C ALA B 212 17.95 18.51 15.43
N VAL B 213 16.68 18.14 15.60
CA VAL B 213 16.21 16.80 15.33
C VAL B 213 15.64 16.80 13.94
N ILE B 214 16.01 15.80 13.14
CA ILE B 214 15.48 15.66 11.79
C ILE B 214 14.61 14.42 11.67
N PRO B 215 13.42 14.49 12.24
CA PRO B 215 12.54 13.33 12.37
C PRO B 215 12.62 12.41 11.15
N ASP B 216 12.84 13.02 9.99
CA ASP B 216 12.98 12.29 8.74
C ASP B 216 14.18 11.34 8.90
N MET B 217 15.27 11.84 9.47
CA MET B 217 16.43 11.01 9.68
C MET B 217 16.15 10.02 10.79
N GLN B 218 15.63 10.53 11.92
CA GLN B 218 15.27 9.68 13.08
C GLN B 218 14.72 8.34 12.63
N LYS B 219 13.53 8.38 12.04
CA LYS B 219 12.88 7.18 11.55
C LYS B 219 13.68 6.28 10.65
N LEU B 220 14.76 6.80 10.07
CA LEU B 220 15.57 5.98 9.20
C LEU B 220 16.72 5.41 10.00
N GLY B 221 16.75 5.71 11.30
CA GLY B 221 17.81 5.20 12.16
C GLY B 221 19.04 6.09 12.19
N ILE B 222 18.85 7.34 11.79
CA ILE B 222 19.93 8.32 11.74
C ILE B 222 19.64 9.37 12.82
N LYS B 223 20.39 9.32 13.91
CA LYS B 223 20.19 10.27 15.03
C LYS B 223 20.64 11.71 14.78
N ASP B 224 21.85 11.89 14.26
CA ASP B 224 22.32 13.24 14.01
C ASP B 224 23.22 13.35 12.79
N LYS B 225 23.71 14.56 12.52
CA LYS B 225 24.58 14.80 11.38
C LYS B 225 25.81 13.91 11.46
N ASN B 226 26.16 13.54 12.68
CA ASN B 226 27.30 12.68 12.94
C ASN B 226 27.09 11.32 12.27
N GLU B 227 26.00 10.66 12.65
CA GLU B 227 25.64 9.33 12.13
C GLU B 227 25.41 9.38 10.62
N ALA B 228 24.91 10.52 10.16
CA ALA B 228 24.67 10.70 8.74
C ALA B 228 26.05 10.72 8.11
N ALA B 229 26.91 11.59 8.63
CA ALA B 229 28.27 11.72 8.16
C ALA B 229 28.81 10.34 7.87
N ARG B 230 28.36 9.39 8.69
CA ARG B 230 28.78 8.00 8.56
C ARG B 230 28.25 7.25 7.35
N ILE B 231 26.96 7.39 7.11
CA ILE B 231 26.29 6.71 6.00
C ILE B 231 26.80 7.26 4.69
N VAL B 232 26.35 8.46 4.32
CA VAL B 232 26.51 8.91 2.94
C VAL B 232 27.87 9.52 2.70
N ALA B 233 28.54 9.03 1.66
CA ALA B 233 29.85 9.52 1.29
C ALA B 233 29.72 10.86 0.59
N LEU B 234 28.99 10.87 -0.51
CA LEU B 234 28.82 12.11 -1.26
C LEU B 234 27.44 12.68 -1.04
N VAL B 235 27.32 13.98 -1.27
CA VAL B 235 26.08 14.68 -1.02
C VAL B 235 25.56 15.44 -2.22
N LYS B 236 24.27 15.74 -2.15
CA LYS B 236 23.56 16.39 -3.20
C LYS B 236 23.10 17.82 -2.91
N ASN B 237 23.62 18.79 -3.65
CA ASN B 237 23.22 20.19 -3.49
C ASN B 237 21.76 20.37 -3.90
N LYS C 2 -24.62 12.85 28.42
CA LYS C 2 -24.44 14.31 28.15
C LYS C 2 -25.50 14.79 27.14
N PHE C 3 -26.41 15.63 27.60
CA PHE C 3 -27.49 16.15 26.76
C PHE C 3 -27.25 17.49 26.12
N THR C 4 -26.73 17.52 24.89
CA THR C 4 -26.51 18.81 24.24
C THR C 4 -27.79 19.65 24.37
N GLU C 5 -27.65 20.96 24.23
CA GLU C 5 -28.80 21.85 24.34
C GLU C 5 -29.62 21.97 23.05
N ILE C 6 -30.93 21.92 23.20
CA ILE C 6 -31.83 22.00 22.07
C ILE C 6 -31.44 23.00 21.01
N PHE C 7 -31.71 22.64 19.75
CA PHE C 7 -31.41 23.49 18.62
C PHE C 7 -32.73 23.84 17.96
N PRO C 8 -33.14 25.11 18.06
CA PRO C 8 -34.40 25.57 17.45
C PRO C 8 -34.16 25.67 15.95
N VAL C 9 -34.54 24.63 15.22
CA VAL C 9 -34.33 24.60 13.78
C VAL C 9 -34.93 25.77 13.01
N GLU C 10 -36.22 26.01 13.19
CA GLU C 10 -36.91 27.09 12.48
C GLU C 10 -36.63 28.48 13.05
N ASP C 11 -36.28 28.54 14.33
CA ASP C 11 -36.00 29.80 15.02
C ASP C 11 -34.77 30.53 14.45
N ALA C 12 -35.00 31.40 13.47
CA ALA C 12 -33.92 32.16 12.83
C ALA C 12 -33.04 32.93 13.83
N ASN C 13 -33.48 33.00 15.09
CA ASN C 13 -32.73 33.72 16.12
C ASN C 13 -31.56 32.86 16.62
N TYR C 14 -31.72 31.54 16.56
CA TYR C 14 -30.67 30.63 16.99
C TYR C 14 -29.87 30.21 15.77
N PRO C 15 -28.61 30.66 15.69
CA PRO C 15 -27.71 30.36 14.56
C PRO C 15 -27.00 29.01 14.68
N TYR C 16 -26.76 28.40 13.52
CA TYR C 16 -26.07 27.13 13.42
C TYR C 16 -24.80 27.11 14.25
N SER C 17 -23.98 28.14 14.07
CA SER C 17 -22.70 28.28 14.75
C SER C 17 -22.74 28.17 16.28
N ALA C 18 -23.67 28.86 16.91
CA ALA C 18 -23.79 28.82 18.36
C ALA C 18 -23.97 27.37 18.79
N PHE C 19 -24.76 26.64 18.00
CA PHE C 19 -25.06 25.23 18.23
C PHE C 19 -23.78 24.37 18.21
N ILE C 20 -23.04 24.45 17.11
CA ILE C 20 -21.80 23.69 16.97
C ILE C 20 -20.86 24.05 18.11
N ALA C 21 -20.66 25.36 18.28
CA ALA C 21 -19.80 25.89 19.33
C ALA C 21 -20.22 25.35 20.68
N SER C 22 -21.52 25.24 20.90
CA SER C 22 -22.01 24.73 22.17
C SER C 22 -21.76 23.23 22.27
N VAL C 23 -22.13 22.49 21.21
CA VAL C 23 -21.96 21.04 21.23
C VAL C 23 -20.50 20.62 21.31
N ARG C 24 -19.61 21.36 20.66
CA ARG C 24 -18.20 20.99 20.71
C ARG C 24 -17.71 21.16 22.13
N LYS C 25 -18.16 22.23 22.77
CA LYS C 25 -17.78 22.50 24.15
C LYS C 25 -18.04 21.23 24.94
N ASP C 26 -19.29 20.80 24.93
CA ASP C 26 -19.68 19.61 25.66
C ASP C 26 -18.74 18.47 25.30
N VAL C 27 -18.50 18.29 24.01
CA VAL C 27 -17.63 17.22 23.54
C VAL C 27 -16.22 17.32 24.09
N ILE C 28 -15.57 18.45 23.83
CA ILE C 28 -14.20 18.70 24.27
C ILE C 28 -13.94 18.44 25.75
N LYS C 29 -14.95 18.72 26.57
CA LYS C 29 -14.86 18.49 28.00
C LYS C 29 -14.26 17.10 28.19
N HIS C 30 -14.43 16.24 27.17
CA HIS C 30 -13.93 14.87 27.20
C HIS C 30 -12.75 14.56 26.34
N CYS C 31 -12.41 15.44 25.41
CA CYS C 31 -11.25 15.17 24.56
C CYS C 31 -10.01 15.32 25.40
N THR C 32 -9.03 14.47 25.12
CA THR C 32 -7.75 14.52 25.82
C THR C 32 -6.83 15.32 24.90
N ASP C 33 -6.15 16.33 25.45
CA ASP C 33 -5.25 17.20 24.70
C ASP C 33 -3.88 16.53 24.48
N HIS C 34 -3.72 15.90 23.32
CA HIS C 34 -2.48 15.18 22.96
C HIS C 34 -1.32 16.03 22.50
N LYS C 35 -0.14 15.64 22.96
CA LYS C 35 1.09 16.33 22.62
C LYS C 35 1.33 16.34 21.13
N GLY C 36 1.62 17.53 20.60
CA GLY C 36 1.89 17.66 19.18
C GLY C 36 0.68 17.56 18.27
N ILE C 37 -0.51 17.59 18.83
CA ILE C 37 -1.73 17.53 18.03
C ILE C 37 -2.56 18.78 18.27
N PHE C 38 -2.66 19.61 17.25
CA PHE C 38 -3.39 20.86 17.34
C PHE C 38 -4.79 20.83 17.93
N GLN C 39 -5.59 19.82 17.58
CA GLN C 39 -6.95 19.78 18.09
C GLN C 39 -7.19 18.70 19.14
N PRO C 40 -8.29 18.85 19.88
CA PRO C 40 -8.63 17.89 20.92
C PRO C 40 -8.81 16.52 20.29
N VAL C 41 -8.29 15.48 20.93
CA VAL C 41 -8.46 14.14 20.44
C VAL C 41 -9.66 13.56 21.18
N LEU C 42 -10.56 12.94 20.43
CA LEU C 42 -11.77 12.38 21.00
C LEU C 42 -11.55 11.03 21.68
N PRO C 43 -12.34 10.77 22.72
CA PRO C 43 -12.23 9.51 23.46
C PRO C 43 -11.90 8.34 22.56
N PRO C 44 -11.12 7.38 23.07
CA PRO C 44 -10.75 6.20 22.29
C PRO C 44 -11.91 5.23 22.07
N GLU C 45 -12.00 4.78 20.82
CA GLU C 45 -13.02 3.85 20.37
C GLU C 45 -13.16 2.62 21.24
N LYS C 46 -14.26 2.52 21.99
CA LYS C 46 -14.53 1.34 22.81
C LYS C 46 -15.61 0.46 22.20
N LYS C 47 -15.32 -0.83 22.08
CA LYS C 47 -16.11 -1.71 21.20
C LYS C 47 -17.60 -1.42 21.42
N VAL C 48 -17.89 -1.05 22.66
CA VAL C 48 -19.23 -0.72 23.09
C VAL C 48 -19.14 0.71 23.61
N PRO C 49 -19.44 1.70 22.75
CA PRO C 49 -19.36 3.10 23.17
C PRO C 49 -19.82 3.34 24.60
N GLU C 50 -19.13 4.24 25.29
CA GLU C 50 -19.47 4.56 26.67
C GLU C 50 -19.97 5.97 26.76
N LEU C 51 -19.35 6.87 26.00
CA LEU C 51 -19.75 8.27 25.98
C LEU C 51 -20.73 8.58 24.85
N TRP C 52 -21.84 9.23 25.19
CA TRP C 52 -22.83 9.61 24.20
C TRP C 52 -23.10 11.11 24.13
N LEU C 53 -23.68 11.51 23.01
CA LEU C 53 -23.99 12.90 22.74
C LEU C 53 -25.42 12.92 22.23
N TYR C 54 -26.35 13.38 23.06
CA TYR C 54 -27.76 13.41 22.66
C TYR C 54 -28.19 14.83 22.30
N THR C 55 -28.37 15.09 21.01
CA THR C 55 -28.76 16.40 20.51
C THR C 55 -30.17 16.43 19.92
N GLU C 56 -31.04 17.22 20.51
CA GLU C 56 -32.42 17.31 20.05
C GLU C 56 -32.69 18.47 19.12
N LEU C 57 -33.06 18.17 17.89
CA LEU C 57 -33.35 19.20 16.90
C LEU C 57 -34.85 19.35 16.86
N LYS C 58 -35.37 20.47 17.35
CA LYS C 58 -36.81 20.64 17.34
C LYS C 58 -37.34 21.78 16.49
N THR C 59 -38.33 21.46 15.67
CA THR C 59 -38.96 22.42 14.79
C THR C 59 -40.10 23.08 15.56
N ARG C 60 -41.08 23.57 14.81
CA ARG C 60 -42.25 24.22 15.38
C ARG C 60 -43.40 23.22 15.52
N THR C 61 -43.38 22.18 14.71
CA THR C 61 -44.43 21.17 14.77
C THR C 61 -44.00 19.86 15.40
N SER C 62 -42.70 19.64 15.52
CA SER C 62 -42.19 18.41 16.11
C SER C 62 -40.72 18.48 16.46
N SER C 63 -40.08 17.31 16.52
CA SER C 63 -38.66 17.23 16.85
C SER C 63 -38.18 15.79 16.92
N ILE C 64 -36.86 15.63 16.97
CA ILE C 64 -36.23 14.32 17.07
C ILE C 64 -34.96 14.51 17.93
N THR C 65 -34.38 13.39 18.37
CA THR C 65 -33.18 13.42 19.21
C THR C 65 -32.12 12.54 18.56
N LEU C 66 -30.92 13.09 18.36
CA LEU C 66 -29.84 12.32 17.75
C LEU C 66 -28.99 11.62 18.79
N ALA C 67 -28.64 10.37 18.50
CA ALA C 67 -27.78 9.61 19.40
C ALA C 67 -26.45 9.51 18.67
N ILE C 68 -25.51 10.38 19.05
CA ILE C 68 -24.18 10.40 18.44
C ILE C 68 -23.18 9.92 19.45
N ARG C 69 -22.45 8.86 19.13
CA ARG C 69 -21.40 8.35 20.03
C ARG C 69 -20.26 9.34 19.94
N MET C 70 -19.73 9.72 21.09
CA MET C 70 -18.61 10.66 21.15
C MET C 70 -17.40 10.11 20.40
N ASP C 71 -16.85 9.00 20.89
CA ASP C 71 -15.55 8.53 20.43
C ASP C 71 -15.26 8.94 18.99
N ASN C 72 -16.15 8.61 18.05
CA ASN C 72 -15.94 9.04 16.68
C ASN C 72 -17.07 9.87 16.06
N LEU C 73 -17.69 10.73 16.86
CA LEU C 73 -18.76 11.62 16.42
C LEU C 73 -19.60 11.02 15.29
N TYR C 74 -20.15 9.84 15.54
CA TYR C 74 -20.94 9.10 14.54
C TYR C 74 -22.43 8.93 14.86
N LEU C 75 -23.31 9.44 14.01
CA LEU C 75 -24.73 9.27 14.27
C LEU C 75 -25.04 7.78 14.33
N VAL C 76 -25.72 7.36 15.40
CA VAL C 76 -26.06 5.96 15.60
C VAL C 76 -27.56 5.79 15.49
N GLY C 77 -28.29 6.83 15.82
CA GLY C 77 -29.74 6.75 15.76
C GLY C 77 -30.43 8.01 16.25
N PHE C 78 -31.74 8.06 16.06
CA PHE C 78 -32.53 9.21 16.47
C PHE C 78 -33.79 8.76 17.18
N ARG C 79 -34.37 9.64 17.99
CA ARG C 79 -35.58 9.31 18.71
C ARG C 79 -36.79 10.14 18.22
N THR C 80 -37.87 9.45 17.86
CA THR C 80 -39.08 10.13 17.37
C THR C 80 -39.90 10.64 18.55
N PRO C 81 -40.76 11.64 18.31
CA PRO C 81 -41.59 12.19 19.39
C PRO C 81 -42.35 11.08 20.11
N GLY C 82 -42.83 10.11 19.34
CA GLY C 82 -43.57 8.99 19.90
C GLY C 82 -42.72 8.13 20.83
N GLY C 83 -41.44 8.47 20.96
CA GLY C 83 -40.56 7.71 21.83
C GLY C 83 -39.79 6.60 21.15
N VAL C 84 -40.04 6.40 19.85
CA VAL C 84 -39.33 5.35 19.11
C VAL C 84 -37.86 5.73 18.86
N TRP C 85 -37.01 4.71 18.84
CA TRP C 85 -35.59 4.90 18.59
C TRP C 85 -35.14 4.08 17.40
N TRP C 86 -34.78 4.76 16.31
CA TRP C 86 -34.32 4.06 15.14
C TRP C 86 -32.79 4.05 15.13
N GLU C 87 -32.21 2.87 14.97
CA GLU C 87 -30.75 2.72 14.94
C GLU C 87 -30.21 2.15 13.61
N PHE C 88 -29.07 2.68 13.15
CA PHE C 88 -28.48 2.20 11.90
C PHE C 88 -28.13 0.74 12.08
N GLY C 89 -28.44 -0.07 11.08
CA GLY C 89 -28.16 -1.49 11.14
C GLY C 89 -29.33 -2.28 10.59
N LYS C 90 -29.32 -3.58 10.84
CA LYS C 90 -30.41 -4.44 10.38
C LYS C 90 -30.48 -5.73 11.17
N ASP C 91 -31.53 -6.51 10.94
CA ASP C 91 -31.72 -7.77 11.65
C ASP C 91 -30.48 -8.64 11.63
N GLY C 92 -29.98 -8.93 12.82
CA GLY C 92 -28.79 -9.74 12.94
C GLY C 92 -27.70 -8.94 13.64
N ASP C 93 -27.51 -7.71 13.19
CA ASP C 93 -26.52 -6.81 13.78
C ASP C 93 -26.87 -6.62 15.24
N THR C 94 -25.99 -5.97 16.00
CA THR C 94 -26.22 -5.77 17.42
C THR C 94 -26.44 -4.33 17.84
N HIS C 95 -27.58 -4.07 18.47
CA HIS C 95 -27.94 -2.73 18.91
C HIS C 95 -26.93 -2.07 19.85
N LEU C 96 -26.81 -0.75 19.73
CA LEU C 96 -25.89 0.03 20.56
C LEU C 96 -26.72 0.98 21.40
N LEU C 97 -27.98 1.15 21.01
CA LEU C 97 -28.85 2.12 21.66
C LEU C 97 -29.76 1.44 22.68
N GLY C 98 -29.92 2.07 23.84
CA GLY C 98 -30.73 1.50 24.90
C GLY C 98 -32.18 1.92 24.81
N ASP C 99 -32.88 1.90 25.95
CA ASP C 99 -34.28 2.31 26.00
C ASP C 99 -35.17 1.29 25.30
N ASN C 100 -34.86 1.02 24.03
CA ASN C 100 -35.58 0.00 23.27
C ASN C 100 -35.62 0.30 21.79
N PRO C 101 -35.13 -0.64 20.98
CA PRO C 101 -34.41 -0.30 19.75
C PRO C 101 -35.10 -0.85 18.51
N ARG C 102 -34.92 -0.18 17.39
CA ARG C 102 -35.39 -0.70 16.10
C ARG C 102 -34.35 -0.39 15.01
N TRP C 103 -34.12 -1.36 14.12
CA TRP C 103 -33.18 -1.22 13.02
C TRP C 103 -33.84 -0.46 11.91
N LEU C 104 -33.09 0.42 11.26
CA LEU C 104 -33.61 1.18 10.14
C LEU C 104 -33.47 0.26 8.93
N GLY C 105 -32.70 -0.80 9.12
CA GLY C 105 -32.47 -1.77 8.07
C GLY C 105 -31.31 -1.47 7.14
N PHE C 106 -30.73 -0.27 7.28
CA PHE C 106 -29.60 0.14 6.46
C PHE C 106 -28.55 0.84 7.31
N GLY C 107 -27.27 0.58 7.02
CA GLY C 107 -26.17 1.16 7.79
C GLY C 107 -26.12 2.68 7.87
N GLY C 108 -25.06 3.18 8.49
CA GLY C 108 -24.93 4.62 8.61
C GLY C 108 -23.83 5.27 7.79
N ARG C 109 -23.02 4.50 7.07
CA ARG C 109 -21.94 5.10 6.26
C ARG C 109 -22.52 5.82 5.05
N TYR C 110 -21.69 6.57 4.32
CA TYR C 110 -22.20 7.28 3.15
C TYR C 110 -22.55 6.34 1.99
N GLN C 111 -21.91 5.18 1.92
CA GLN C 111 -22.21 4.21 0.85
C GLN C 111 -23.64 3.70 1.04
N ASP C 112 -24.11 3.78 2.28
CA ASP C 112 -25.46 3.35 2.61
C ASP C 112 -26.51 4.43 2.37
N LEU C 113 -26.16 5.68 2.67
CA LEU C 113 -27.11 6.77 2.49
C LEU C 113 -27.16 7.37 1.10
N ILE C 114 -26.06 7.29 0.36
CA ILE C 114 -26.05 7.85 -0.98
C ILE C 114 -25.20 7.09 -2.00
N GLY C 115 -24.76 5.88 -1.63
CA GLY C 115 -24.00 5.05 -2.53
C GLY C 115 -22.64 5.52 -2.99
N ASN C 116 -22.57 6.20 -4.14
CA ASN C 116 -21.32 6.70 -4.67
C ASN C 116 -21.40 8.21 -4.92
N LYS C 117 -22.57 8.79 -4.70
CA LYS C 117 -22.76 10.22 -4.87
C LYS C 117 -21.84 10.99 -3.93
N GLY C 118 -21.48 12.19 -4.34
CA GLY C 118 -20.61 12.99 -3.51
C GLY C 118 -21.38 13.86 -2.55
N LEU C 119 -20.78 14.14 -1.41
CA LEU C 119 -21.44 14.98 -0.42
C LEU C 119 -21.80 16.35 -1.00
N GLU C 120 -21.27 16.69 -2.17
CA GLU C 120 -21.57 17.99 -2.77
C GLU C 120 -23.00 17.99 -3.30
N THR C 121 -23.61 16.80 -3.31
CA THR C 121 -24.97 16.64 -3.82
C THR C 121 -26.03 16.84 -2.75
N VAL C 122 -25.68 16.56 -1.50
CA VAL C 122 -26.63 16.69 -0.39
C VAL C 122 -26.83 18.15 0.01
N THR C 123 -28.07 18.63 -0.10
CA THR C 123 -28.34 20.02 0.27
C THR C 123 -28.57 20.13 1.76
N MET C 124 -28.14 21.26 2.32
CA MET C 124 -28.27 21.48 3.73
C MET C 124 -28.71 22.92 3.99
N GLY C 125 -28.90 23.26 5.26
CA GLY C 125 -29.32 24.59 5.63
C GLY C 125 -30.56 24.56 6.49
N ARG C 126 -30.78 25.63 7.26
CA ARG C 126 -31.94 25.74 8.14
C ARG C 126 -33.21 25.24 7.45
N ALA C 127 -33.27 25.42 6.14
CA ALA C 127 -34.42 25.00 5.36
C ALA C 127 -34.70 23.51 5.51
N GLU C 128 -33.87 22.71 4.85
CA GLU C 128 -34.03 21.25 4.85
C GLU C 128 -33.83 20.56 6.20
N MET C 129 -33.00 21.13 7.06
CA MET C 129 -32.78 20.56 8.40
C MET C 129 -34.12 20.57 9.14
N THR C 130 -35.05 21.33 8.58
CA THR C 130 -36.42 21.42 9.07
C THR C 130 -37.29 20.33 8.43
N ARG C 131 -37.25 20.22 7.11
CA ARG C 131 -38.04 19.21 6.41
C ARG C 131 -37.47 17.82 6.66
N ALA C 132 -36.26 17.80 7.24
CA ALA C 132 -35.57 16.56 7.57
C ALA C 132 -36.15 16.01 8.86
N VAL C 133 -36.08 16.84 9.91
CA VAL C 133 -36.59 16.47 11.24
C VAL C 133 -38.02 15.98 11.15
N ASN C 134 -38.92 16.91 10.82
CA ASN C 134 -40.35 16.63 10.69
C ASN C 134 -40.57 15.29 10.01
N ASP C 135 -40.23 15.25 8.73
CA ASP C 135 -40.39 14.06 7.93
C ASP C 135 -39.91 12.81 8.68
N LEU C 136 -38.88 12.96 9.51
CA LEU C 136 -38.29 11.86 10.27
C LEU C 136 -39.04 11.50 11.56
N ALA C 137 -39.68 12.49 12.16
CA ALA C 137 -40.42 12.24 13.38
C ALA C 137 -41.61 11.34 13.10
N LYS C 138 -42.22 11.51 11.92
CA LYS C 138 -43.39 10.71 11.52
C LYS C 138 -42.99 9.32 11.12
N LYS C 139 -41.75 8.96 11.44
CA LYS C 139 -41.23 7.66 11.11
C LYS C 139 -41.75 6.54 12.00
N LYS C 140 -42.43 5.59 11.39
CA LYS C 140 -43.01 4.51 12.16
C LYS C 140 -42.84 3.11 11.60
N LYS C 141 -42.44 3.02 10.34
CA LYS C 141 -42.33 1.75 9.68
C LYS C 141 -40.92 1.21 9.56
N MET C 142 -40.81 -0.13 9.61
CA MET C 142 -39.57 -0.81 9.33
C MET C 142 -39.00 -0.20 8.04
N PRO C 145 -40.89 1.21 4.45
CA PRO C 145 -39.74 0.51 3.86
C PRO C 145 -39.34 1.09 2.51
N GLN C 146 -38.84 2.32 2.50
CA GLN C 146 -38.41 2.99 1.26
C GLN C 146 -37.75 4.30 1.69
N ALA C 147 -36.52 4.52 1.21
CA ALA C 147 -35.59 5.41 1.90
C ALA C 147 -35.40 6.75 1.18
N ASP C 148 -36.25 7.71 1.52
CA ASP C 148 -35.85 9.11 1.51
C ASP C 148 -35.39 9.44 2.91
N THR C 149 -35.47 8.43 3.78
CA THR C 149 -35.13 8.62 5.19
C THR C 149 -33.63 8.53 5.26
N LYS C 150 -33.08 8.06 4.14
CA LYS C 150 -31.66 8.04 3.91
C LYS C 150 -31.24 9.44 3.46
N SER C 151 -32.10 10.09 2.66
CA SER C 151 -31.82 11.43 2.15
C SER C 151 -31.91 12.44 3.27
N LYS C 152 -32.83 12.18 4.18
CA LYS C 152 -33.04 13.07 5.30
C LYS C 152 -31.97 12.87 6.36
N LEU C 153 -31.60 11.61 6.58
CA LEU C 153 -30.56 11.25 7.57
C LEU C 153 -29.18 11.77 7.17
N VAL C 154 -28.85 11.69 5.89
CA VAL C 154 -27.55 12.15 5.44
C VAL C 154 -27.43 13.67 5.62
N LYS C 155 -28.48 14.42 5.35
CA LYS C 155 -28.43 15.87 5.53
C LYS C 155 -28.01 16.20 6.96
N LEU C 156 -28.64 15.54 7.93
CA LEU C 156 -28.34 15.73 9.33
C LEU C 156 -26.92 15.24 9.67
N VAL C 157 -26.51 14.17 9.01
CA VAL C 157 -25.17 13.62 9.24
C VAL C 157 -24.09 14.63 8.88
N VAL C 158 -24.27 15.35 7.78
CA VAL C 158 -23.28 16.34 7.36
C VAL C 158 -23.42 17.65 8.11
N MET C 159 -24.65 18.05 8.39
CA MET C 159 -24.87 19.29 9.11
C MET C 159 -24.45 19.15 10.56
N VAL C 160 -24.75 18.00 11.17
CA VAL C 160 -24.38 17.84 12.55
C VAL C 160 -23.02 17.16 12.74
N CYS C 161 -22.96 15.84 12.61
CA CYS C 161 -21.71 15.13 12.82
C CYS C 161 -20.52 15.72 12.06
N GLU C 162 -20.66 15.93 10.76
CA GLU C 162 -19.56 16.50 9.98
C GLU C 162 -19.36 17.96 10.35
N GLY C 163 -20.39 18.60 10.89
CA GLY C 163 -20.26 19.98 11.29
C GLY C 163 -19.34 20.07 12.49
N LEU C 164 -19.59 19.20 13.46
CA LEU C 164 -18.81 19.16 14.68
C LEU C 164 -17.34 18.86 14.39
N ARG C 165 -17.12 17.91 13.49
CA ARG C 165 -15.76 17.51 13.12
C ARG C 165 -15.01 18.66 12.47
N PHE C 166 -15.49 19.10 11.31
CA PHE C 166 -14.72 20.00 10.47
C PHE C 166 -15.00 21.47 10.56
N ASN C 167 -13.99 22.27 10.88
CA ASN C 167 -14.12 23.73 10.82
C ASN C 167 -14.37 24.17 9.39
N THR C 168 -13.99 23.31 8.46
CA THR C 168 -14.32 23.46 7.05
C THR C 168 -15.81 23.26 6.77
N VAL C 169 -16.45 22.37 7.51
CA VAL C 169 -17.87 22.10 7.30
C VAL C 169 -18.79 23.03 8.05
N SER C 170 -18.50 23.26 9.32
CA SER C 170 -19.33 24.13 10.15
C SER C 170 -19.37 25.57 9.63
N ARG C 171 -18.27 26.02 9.00
CA ARG C 171 -18.21 27.39 8.49
C ARG C 171 -18.99 27.56 7.19
N THR C 172 -18.91 26.57 6.31
CA THR C 172 -19.62 26.60 5.04
C THR C 172 -21.12 26.61 5.29
N VAL C 173 -21.57 25.68 6.14
CA VAL C 173 -22.99 25.55 6.48
C VAL C 173 -23.50 26.83 7.10
N ASP C 174 -23.01 27.16 8.29
CA ASP C 174 -23.44 28.37 8.99
C ASP C 174 -23.56 29.58 8.08
N ALA C 175 -22.54 29.79 7.25
CA ALA C 175 -22.50 30.93 6.33
C ALA C 175 -23.59 30.91 5.24
N GLY C 176 -24.23 29.77 5.06
CA GLY C 176 -25.28 29.68 4.05
C GLY C 176 -26.48 28.97 4.64
N PHE C 177 -26.55 28.94 5.96
CA PHE C 177 -27.64 28.27 6.67
C PHE C 177 -29.05 28.77 6.30
N ASN C 178 -29.28 30.07 6.24
CA ASN C 178 -30.63 30.55 5.90
C ASN C 178 -30.72 30.94 4.43
N SER C 179 -30.71 29.95 3.54
CA SER C 179 -30.66 30.23 2.09
C SER C 179 -31.83 29.63 1.35
N GLN C 180 -31.53 29.23 0.11
CA GLN C 180 -32.40 28.28 -0.58
C GLN C 180 -31.49 27.01 -0.76
N VAL C 183 -27.30 25.38 0.93
CA VAL C 183 -25.84 25.41 0.88
C VAL C 183 -25.28 24.00 0.72
N THR C 184 -24.15 23.89 0.02
CA THR C 184 -23.50 22.59 -0.20
C THR C 184 -21.98 22.67 -0.06
N LEU C 185 -21.34 21.51 0.01
CA LEU C 185 -19.89 21.44 0.17
C LEU C 185 -19.24 21.37 -1.21
N THR C 186 -18.04 21.92 -1.32
CA THR C 186 -17.32 21.89 -2.59
C THR C 186 -16.83 20.47 -2.73
N VAL C 187 -16.60 20.03 -3.96
CA VAL C 187 -16.12 18.68 -4.16
C VAL C 187 -14.92 18.43 -3.27
N THR C 188 -13.96 19.36 -3.27
CA THR C 188 -12.76 19.21 -2.48
C THR C 188 -13.16 18.92 -1.04
N GLN C 189 -14.08 19.70 -0.51
CA GLN C 189 -14.52 19.50 0.86
C GLN C 189 -15.09 18.09 0.99
N GLY C 190 -16.09 17.78 0.19
CA GLY C 190 -16.71 16.47 0.22
C GLY C 190 -15.73 15.33 0.47
N LYS C 191 -14.77 15.15 -0.44
CA LYS C 191 -13.78 14.08 -0.27
C LYS C 191 -13.09 14.22 1.09
N GLN C 192 -12.66 15.44 1.41
CA GLN C 192 -12.01 15.70 2.69
C GLN C 192 -12.86 15.12 3.80
N VAL C 193 -14.13 15.53 3.84
CA VAL C 193 -15.08 15.07 4.84
C VAL C 193 -15.10 13.54 4.95
N GLN C 194 -15.01 12.86 3.82
CA GLN C 194 -15.05 11.41 3.80
C GLN C 194 -13.71 10.80 4.18
N LYS C 195 -12.77 11.65 4.55
CA LYS C 195 -11.45 11.18 4.94
C LYS C 195 -11.14 11.52 6.38
N TRP C 196 -12.18 11.90 7.13
CA TRP C 196 -12.01 12.26 8.52
C TRP C 196 -11.01 11.34 9.24
N ASP C 197 -11.17 10.03 9.09
CA ASP C 197 -10.27 9.09 9.77
C ASP C 197 -8.83 9.13 9.27
N ARG C 198 -8.63 9.20 7.95
CA ARG C 198 -7.28 9.26 7.43
C ARG C 198 -6.59 10.52 7.96
N ILE C 199 -7.22 11.66 7.71
CA ILE C 199 -6.70 12.95 8.14
C ILE C 199 -6.30 12.95 9.61
N SER C 200 -7.05 12.23 10.45
CA SER C 200 -6.74 12.13 11.88
C SER C 200 -5.45 11.34 12.10
N LYS C 201 -5.26 10.29 11.32
CA LYS C 201 -4.07 9.48 11.43
C LYS C 201 -2.87 10.33 11.02
N ALA C 202 -3.13 11.33 10.18
CA ALA C 202 -2.12 12.27 9.73
C ALA C 202 -1.80 13.18 10.91
N ALA C 203 -2.81 13.45 11.70
CA ALA C 203 -2.68 14.30 12.87
C ALA C 203 -1.68 13.66 13.83
N PHE C 204 -1.93 12.41 14.20
CA PHE C 204 -1.05 11.70 15.11
C PHE C 204 0.33 11.48 14.48
N GLU C 205 0.35 11.43 13.15
CA GLU C 205 1.60 11.22 12.42
C GLU C 205 2.44 12.48 12.34
N TRP C 206 1.78 13.64 12.42
CA TRP C 206 2.50 14.90 12.36
C TRP C 206 2.93 15.36 13.75
N ALA C 207 2.85 14.45 14.71
CA ALA C 207 3.25 14.75 16.07
C ALA C 207 4.53 13.94 16.27
N ASP C 208 4.95 13.30 15.18
CA ASP C 208 6.13 12.45 15.21
C ASP C 208 7.09 12.80 14.07
N HIS C 209 6.57 13.42 13.01
CA HIS C 209 7.34 13.91 11.86
C HIS C 209 6.69 15.21 11.48
N PRO C 210 6.57 16.13 12.44
CA PRO C 210 5.96 17.43 12.18
C PRO C 210 6.15 17.97 10.76
N THR C 211 7.17 17.48 10.06
CA THR C 211 7.46 17.94 8.70
C THR C 211 6.75 17.15 7.60
N ALA C 212 6.66 15.85 7.78
CA ALA C 212 6.57 14.91 6.68
C ALA C 212 5.75 15.41 5.48
N VAL C 213 5.88 14.69 4.37
CA VAL C 213 5.12 14.90 3.16
C VAL C 213 4.14 13.72 3.12
N ILE C 214 2.98 13.86 3.76
CA ILE C 214 1.98 12.79 3.74
C ILE C 214 1.19 12.99 2.44
N PRO C 215 1.60 12.32 1.34
CA PRO C 215 0.92 12.44 0.04
C PRO C 215 -0.60 12.21 0.05
N ASP C 216 -1.08 11.44 1.04
CA ASP C 216 -2.51 11.18 1.17
C ASP C 216 -3.17 12.55 1.35
N MET C 217 -2.57 13.37 2.20
CA MET C 217 -3.07 14.70 2.49
C MET C 217 -2.75 15.65 1.34
N GLN C 218 -1.54 15.53 0.79
CA GLN C 218 -1.09 16.37 -0.32
C GLN C 218 -2.18 16.32 -1.37
N LYS C 219 -2.61 15.10 -1.66
CA LYS C 219 -3.62 14.82 -2.64
C LYS C 219 -5.02 15.39 -2.39
N LEU C 220 -5.32 15.68 -1.13
CA LEU C 220 -6.61 16.25 -0.76
C LEU C 220 -6.55 17.78 -0.69
N GLY C 221 -5.34 18.33 -0.77
CA GLY C 221 -5.17 19.77 -0.74
C GLY C 221 -4.65 20.25 0.60
N ILE C 222 -4.25 19.31 1.44
CA ILE C 222 -3.74 19.62 2.77
C ILE C 222 -2.21 19.48 2.86
N LYS C 223 -1.52 20.60 2.69
CA LYS C 223 -0.05 20.62 2.72
C LYS C 223 0.58 20.00 3.94
N ASP C 224 0.40 20.63 5.10
CA ASP C 224 1.00 20.18 6.34
C ASP C 224 0.03 20.06 7.51
N LYS C 225 0.58 19.75 8.68
CA LYS C 225 -0.20 19.60 9.90
C LYS C 225 -0.95 20.91 10.16
N ASN C 226 -0.35 22.01 9.71
CA ASN C 226 -0.91 23.34 9.85
C ASN C 226 -2.29 23.36 9.16
N GLU C 227 -2.26 23.25 7.85
CA GLU C 227 -3.45 23.27 7.02
C GLU C 227 -4.51 22.22 7.34
N ALA C 228 -4.18 21.28 8.21
CA ALA C 228 -5.16 20.26 8.60
C ALA C 228 -5.77 20.70 9.93
N ALA C 229 -4.99 21.43 10.71
CA ALA C 229 -5.44 21.91 12.00
C ALA C 229 -6.57 22.92 11.83
N ARG C 230 -6.65 23.51 10.65
CA ARG C 230 -7.69 24.49 10.41
C ARG C 230 -8.90 23.92 9.67
N ILE C 231 -8.75 22.74 9.07
CA ILE C 231 -9.86 22.10 8.38
C ILE C 231 -10.68 21.23 9.35
N VAL C 232 -9.98 20.45 10.17
CA VAL C 232 -10.66 19.59 11.14
C VAL C 232 -10.63 20.17 12.54
N ALA C 233 -11.78 20.23 13.19
CA ALA C 233 -11.91 20.76 14.55
C ALA C 233 -11.43 19.74 15.54
N LEU C 234 -11.99 18.53 15.45
CA LEU C 234 -11.58 17.47 16.37
C LEU C 234 -11.02 16.32 15.58
N VAL C 235 -10.55 15.30 16.29
CA VAL C 235 -9.93 14.20 15.60
C VAL C 235 -10.15 12.89 16.32
N LYS C 236 -9.86 11.81 15.61
CA LYS C 236 -10.04 10.47 16.11
C LYS C 236 -8.76 9.94 16.73
N ASN C 237 -8.82 8.77 17.34
CA ASN C 237 -7.67 8.20 18.02
C ASN C 237 -7.14 6.95 17.32
N9 ADE D . 1.54 -15.21 -2.47
C8 ADE D . 1.87 -14.40 -1.42
N7 ADE D . 0.82 -13.71 -1.06
C5 ADE D . -0.24 -14.05 -1.83
C6 ADE D . -1.61 -13.64 -1.91
N6 ADE D . -2.14 -12.69 -1.05
N1 ADE D . -2.40 -14.22 -2.84
C2 ADE D . -1.92 -15.13 -3.69
N3 ADE D . -0.64 -15.53 -3.65
C4 ADE D . 0.22 -15.02 -2.75
N9 ADE E . 15.93 7.66 -6.56
C8 ADE E . 14.99 7.30 -7.47
N7 ADE E . 15.47 6.39 -8.28
C5 ADE E . 16.75 6.10 -7.93
C6 ADE E . 17.78 5.22 -8.43
N6 ADE E . 17.54 4.39 -9.50
N1 ADE E . 18.98 5.20 -7.80
C2 ADE E . 19.22 6.00 -6.75
N3 ADE E . 18.30 6.85 -6.26
C4 ADE E . 17.07 6.93 -6.81
N9 ADE F . -19.92 9.52 8.60
C8 ADE F . -20.54 8.55 7.87
N7 ADE F . -21.66 8.20 8.44
C5 ADE F . -21.83 8.90 9.58
C6 ADE F . -22.83 8.99 10.60
N6 ADE F . -23.95 8.18 10.57
N1 ADE F . -22.65 9.85 11.62
C2 ADE F . -21.57 10.64 11.67
N3 ADE F . -20.63 10.61 10.75
C4 ADE F . -20.71 9.77 9.69
#